data_9UY3
#
_entry.id   9UY3
#
_cell.length_a   1.00
_cell.length_b   1.00
_cell.length_c   1.00
_cell.angle_alpha   90.00
_cell.angle_beta   90.00
_cell.angle_gamma   90.00
#
_symmetry.space_group_name_H-M   'P 1'
#
loop_
_entity.id
_entity.type
_entity.pdbx_description
1 polymer 'Engineered G-alpha-q subunit'
2 polymer 'Guanine nucleotide-binding protein G(I)/G(S)/G(T) subunit beta-1'
3 polymer 'Guanine nucleotide-binding protein G(I)/G(S)/G(O) subunit gamma-2'
4 polymer NB35
5 polymer 'Soluble cytochrome b562,Growth hormone secretagogue receptor type 1,Soluble cytochrome b562,Growth hormone secretagogue receptor type 1,Soluble cytochrome b562,Growth hormone secretagogue receptor type 1,Soluble cytochrome b562,Growth hormone secretagogue receptor type 1,human growth hormone secretagogue receptor'
6 non-polymer CHOLESTEROL
7 non-polymer 2-azanyl-N-[(2R)-1-[(3S)-3-[dimethylamino(methyl)carbamoyl]-3-(phenylmethyl)piperidin-1-yl]-3-(1H-indol-3-yl)-1-oxidanylidene-propan-2-yl]-2-methyl-propanamide
#
loop_
_entity_poly.entity_id
_entity_poly.type
_entity_poly.pdbx_seq_one_letter_code
_entity_poly.pdbx_strand_id
1 'polypeptide(L)'
;MMGCTLSAEDKAAVERSKMIEKQLQKDKQVYRRTLRLLLLGADNSGKSTIVKQMRIYHVNGYSEEECKQYKAVVYSNTIQ
SIIAIIRAMGRLKIDFGDSARADDARQLFVLAGAAEEGFMTAELAGVIKRLWKDSGVQACFNRSREYQLNDSAAYYLNDL
DRIAQPNYIPTQQDVLRTRVKTSGIFETKFQVDKVNFHMFDVGAQRDERRKWIQCFNDVTAIIFVVDSSDYNRLQEALND
FKSIWNNRWLRTISVILFLNKQDLLAEKVLAGKSKIEDYFPEFARYTTPEDATPEPGEDPRVTRAKYFIRKEFVDISTAS
GDGRHICYPHFTCSVDTENARRIFNDCKDIILQMNLREYNLV
;
A
2 'polypeptide(L)'
;MGSLLQSELDQLRQEAEQLKNQIRDARKACADATLSQITNNIDPVGRIQMRTRRTLRGHLAKIYAMHWGTDSRLLVSASQ
DGKLIIWDSYTTNKVHAIPLRSSWVMTCAYAPSGNYVACGGLDNICSIYNLKTREGNVRVSRELAGHTGYLSCCRFLDDN
QIVTSSGDTTCALWDIETGQQTTTFTGHTGDVMSLSLAPDTRLFVSGACDASAKLWDVREGMCRQTFTGHESDINAICFF
PNGNAFATGSDDATCRLFDLRADQELMTYSHDNIICGITSVSFSKSGRLLLAGYDDFNCNVWDALKADRAGVLAGHDNRV
SCLGVTDDGMAVATGSWDSFLKIWNGSSGGGGSGGGGSSGVSGWRLFKKIS
;
B
3 'polypeptide(L)' MASNNTASIAQARKLVEQLKMEANIDRIKVSKAAADLMAYCEAHAKEDPLLTPVPASENPFREKKFFCAIL G
4 'polypeptide(L)'
;MAQVQLQESGGGLVQPGGSLRLSCAASGFTFSNYKMNWVRQAPGKGLEWVSDISQSGASISYTGSVKGRFTISRDNAKNT
LYLQMNSLKPEDTAVYYCARCPAPFTRDCFDVTSTTYAYRGQGTQVTVSSHHHHHHEPEA
;
N
5 'polypeptide(L)'
;MKTIIALSYIFCLVFAHHHHHHHHHHPSRLEEELRRRLTEPADLEDNWETLNDNLKVIEKADNAAQVKDALTKMRAAALD
AQKATPPKLEDKSPDSPEMKDFRHGFDILVGQIDDALKLANEGKVKEAQAAAEQLKTTRNAYIQKYLMWNATPSEEPGFN
LTLADLDWDASPGNDSLGDELLQLFPAPLLAGVTATCVALFVVGIAGNLLTMLVVSRFRELRTTTNLYLSSMAFSDLLIF
LCMPLDLVRLWQYRPWNFGDLLCKLFQFVSESCTYATVLTITALSVERYFAICFPLRAKVVVTKGRVKLVIFVIWAVAFC
SAGPIFVLVGVEHENGTDPWDTNECRPTEFAVRSGLLTVMVWVSSIFFFLPVFCLTVLYSLIGRKLWRRRRGDAVVGASL
RDQNHKQTVKMLAVVVFAFILCWLPFHVGRYLFSKSFEPGSLEIAQISQYCNLVSFVLFYLSAAINPILYNIMSKKYRVA
VFRLLGFEPFSQRKLSTLKDESSRAWTESSINTGSAGSVFTLEDFVGDWEQTAAYNLDQVLEQGGVSSLLQNLAVSVTPI
QRIVRSGENALKIDIHVIIPYEGLSADQMAQIEEVFKVVYPVDDHHFKVILPYGTLVIDGVTPNMLNYFGRPYEGIAVFD
GKKITVTGTLWNGNKIIDERLITPDGSMLFRVTINS
;
R
#
# COMPACT_ATOMS: atom_id res chain seq x y z
N GLU A 9 -29.88 24.02 -5.41
CA GLU A 9 -29.21 24.85 -4.37
C GLU A 9 -28.33 23.99 -3.46
N ASP A 10 -27.68 24.64 -2.51
CA ASP A 10 -26.73 23.94 -1.65
C ASP A 10 -27.40 22.84 -0.85
N LYS A 11 -28.64 23.06 -0.40
CA LYS A 11 -29.34 22.03 0.35
C LYS A 11 -29.55 20.78 -0.48
N ALA A 12 -29.96 20.95 -1.74
CA ALA A 12 -30.14 19.80 -2.62
C ALA A 12 -28.82 19.09 -2.89
N ALA A 13 -27.73 19.85 -3.06
CA ALA A 13 -26.43 19.23 -3.27
C ALA A 13 -26.02 18.41 -2.06
N VAL A 14 -26.23 18.93 -0.85
CA VAL A 14 -25.87 18.19 0.35
C VAL A 14 -26.75 16.95 0.48
N GLU A 15 -28.03 17.06 0.13
CA GLU A 15 -28.90 15.91 0.19
C GLU A 15 -28.44 14.82 -0.76
N ARG A 16 -28.07 15.21 -1.99
CA ARG A 16 -27.56 14.24 -2.95
C ARG A 16 -26.27 13.60 -2.48
N SER A 17 -25.38 14.39 -1.88
CA SER A 17 -24.13 13.85 -1.35
C SER A 17 -24.40 12.83 -0.26
N LYS A 18 -25.35 13.11 0.64
CA LYS A 18 -25.66 12.16 1.71
C LYS A 18 -26.29 10.90 1.13
N MET A 19 -27.15 11.04 0.13
CA MET A 19 -27.72 9.86 -0.52
C MET A 19 -26.62 9.00 -1.14
N ILE A 20 -25.62 9.64 -1.76
CA ILE A 20 -24.48 8.90 -2.31
C ILE A 20 -23.69 8.22 -1.20
N GLU A 21 -23.51 8.92 -0.08
CA GLU A 21 -22.68 8.39 0.99
C GLU A 21 -23.32 7.18 1.66
N LYS A 22 -24.65 7.15 1.72
CA LYS A 22 -25.33 5.95 2.21
C LYS A 22 -24.99 4.74 1.36
N GLN A 23 -25.09 4.89 0.03
CA GLN A 23 -24.74 3.79 -0.85
C GLN A 23 -23.27 3.43 -0.73
N LEU A 24 -22.41 4.42 -0.48
CA LEU A 24 -20.99 4.14 -0.30
C LEU A 24 -20.75 3.27 0.93
N GLN A 25 -21.46 3.54 2.03
CA GLN A 25 -21.35 2.68 3.20
C GLN A 25 -21.87 1.28 2.92
N LYS A 26 -23.01 1.20 2.21
CA LYS A 26 -23.56 -0.10 1.85
C LYS A 26 -22.56 -0.91 1.05
N ASP A 27 -21.83 -0.25 0.14
CA ASP A 27 -20.83 -0.94 -0.66
C ASP A 27 -19.57 -1.24 0.14
N LYS A 28 -19.25 -0.39 1.11
CA LYS A 28 -18.08 -0.65 1.95
C LYS A 28 -18.24 -1.93 2.73
N GLN A 29 -19.47 -2.21 3.21
CA GLN A 29 -19.70 -3.47 3.90
C GLN A 29 -19.30 -4.66 3.02
N VAL A 30 -19.81 -4.71 1.80
CA VAL A 30 -19.52 -5.83 0.90
C VAL A 30 -18.03 -5.87 0.56
N TYR A 31 -17.45 -4.71 0.29
CA TYR A 31 -16.04 -4.67 -0.09
C TYR A 31 -15.16 -5.21 1.04
N ARG A 32 -15.47 -4.86 2.28
CA ARG A 32 -14.66 -5.31 3.39
C ARG A 32 -14.89 -6.78 3.70
N ARG A 33 -16.09 -7.30 3.45
CA ARG A 33 -16.39 -8.68 3.80
C ARG A 33 -15.88 -9.69 2.77
N THR A 34 -15.36 -9.22 1.63
CA THR A 34 -14.93 -10.12 0.57
C THR A 34 -13.41 -10.15 0.48
N LEU A 35 -12.87 -11.32 0.15
CA LEU A 35 -11.44 -11.53 0.07
C LEU A 35 -11.03 -11.64 -1.40
N ARG A 36 -10.01 -10.88 -1.78
CA ARG A 36 -9.54 -10.84 -3.16
C ARG A 36 -8.22 -11.57 -3.28
N LEU A 37 -8.12 -12.45 -4.27
CA LEU A 37 -6.94 -13.27 -4.50
C LEU A 37 -6.44 -13.01 -5.91
N LEU A 38 -5.12 -13.02 -6.08
CA LEU A 38 -4.51 -12.91 -7.41
C LEU A 38 -3.95 -14.26 -7.82
N LEU A 39 -4.48 -14.84 -8.89
CA LEU A 39 -4.03 -16.15 -9.38
C LEU A 39 -2.92 -15.93 -10.41
N LEU A 40 -1.71 -16.33 -10.07
CA LEU A 40 -0.58 -16.25 -10.99
C LEU A 40 -0.08 -17.65 -11.34
N GLY A 41 0.45 -17.77 -12.55
CA GLY A 41 1.01 -19.04 -13.00
C GLY A 41 1.47 -18.96 -14.43
N ALA A 42 2.32 -19.90 -14.84
CA ALA A 42 2.80 -19.96 -16.21
C ALA A 42 1.84 -20.77 -17.08
N ASP A 43 2.14 -20.82 -18.37
CA ASP A 43 1.29 -21.54 -19.30
C ASP A 43 1.24 -23.03 -18.98
N ASN A 44 2.38 -23.62 -18.62
CA ASN A 44 2.42 -25.04 -18.31
C ASN A 44 1.76 -25.37 -16.98
N SER A 45 1.75 -24.44 -16.04
CA SER A 45 1.02 -24.65 -14.79
C SER A 45 -0.46 -24.83 -15.09
N GLY A 46 -1.10 -25.72 -14.35
CA GLY A 46 -2.49 -26.03 -14.62
C GLY A 46 -3.45 -25.08 -13.95
N LYS A 47 -3.05 -23.81 -13.79
CA LYS A 47 -3.93 -22.86 -13.11
C LYS A 47 -5.26 -22.75 -13.83
N SER A 48 -5.25 -22.80 -15.16
CA SER A 48 -6.50 -22.73 -15.91
C SER A 48 -7.48 -23.81 -15.47
N THR A 49 -6.96 -25.00 -15.13
CA THR A 49 -7.82 -26.05 -14.62
C THR A 49 -8.23 -25.81 -13.17
N ILE A 50 -7.34 -25.24 -12.36
CA ILE A 50 -7.69 -24.95 -10.97
C ILE A 50 -8.90 -24.02 -10.92
N VAL A 51 -8.95 -23.04 -11.83
CA VAL A 51 -10.10 -22.15 -11.88
C VAL A 51 -11.38 -22.95 -12.09
N LYS A 52 -11.34 -23.97 -12.95
CA LYS A 52 -12.53 -24.76 -13.19
C LYS A 52 -12.92 -25.59 -11.97
N GLN A 53 -12.00 -25.83 -11.03
CA GLN A 53 -12.36 -26.53 -9.81
C GLN A 53 -13.08 -25.64 -8.83
N MET A 54 -13.02 -24.32 -9.01
CA MET A 54 -13.80 -23.39 -8.20
C MET A 54 -15.21 -23.27 -8.79
N ARG A 55 -16.00 -24.32 -8.58
CA ARG A 55 -17.40 -24.35 -9.03
C ARG A 55 -18.28 -23.78 -7.92
N ILE A 56 -18.08 -22.49 -7.66
CA ILE A 56 -18.84 -21.75 -6.67
C ILE A 56 -18.82 -22.50 -5.33
N THR A 182 -10.95 -10.02 -26.07
CA THR A 182 -9.67 -9.38 -25.78
C THR A 182 -9.63 -8.85 -24.35
N SER A 183 -10.44 -9.45 -23.48
CA SER A 183 -10.51 -9.01 -22.09
C SER A 183 -9.20 -9.27 -21.38
N GLY A 184 -8.83 -8.35 -20.49
CA GLY A 184 -7.51 -8.37 -19.88
C GLY A 184 -7.46 -8.94 -18.47
N ILE A 185 -8.62 -9.27 -17.90
CA ILE A 185 -8.70 -9.80 -16.56
C ILE A 185 -9.97 -10.63 -16.46
N PHE A 186 -9.86 -11.79 -15.81
CA PHE A 186 -10.99 -12.65 -15.53
C PHE A 186 -11.20 -12.71 -14.02
N GLU A 187 -12.46 -12.73 -13.60
CA GLU A 187 -12.81 -12.90 -12.19
C GLU A 187 -13.65 -14.16 -12.04
N THR A 188 -13.27 -15.00 -11.10
CA THR A 188 -14.10 -16.09 -10.64
C THR A 188 -14.38 -15.87 -9.17
N LYS A 189 -15.66 -15.80 -8.81
CA LYS A 189 -16.05 -15.59 -7.43
C LYS A 189 -16.66 -16.88 -6.89
N PHE A 190 -16.12 -17.35 -5.78
CA PHE A 190 -16.56 -18.59 -5.17
C PHE A 190 -16.76 -18.37 -3.68
N GLN A 191 -17.33 -19.37 -3.02
CA GLN A 191 -17.75 -19.24 -1.63
C GLN A 191 -17.31 -20.47 -0.84
N VAL A 192 -16.70 -20.24 0.33
CA VAL A 192 -16.32 -21.30 1.24
C VAL A 192 -16.81 -20.91 2.63
N ASP A 193 -17.69 -21.74 3.20
CA ASP A 193 -18.25 -21.50 4.53
C ASP A 193 -18.77 -20.08 4.66
N LYS A 194 -19.56 -19.66 3.67
CA LYS A 194 -20.21 -18.36 3.62
C LYS A 194 -19.24 -17.20 3.45
N VAL A 195 -17.96 -17.47 3.20
CA VAL A 195 -17.00 -16.40 2.91
C VAL A 195 -16.83 -16.30 1.40
N ASN A 196 -16.84 -15.09 0.88
CA ASN A 196 -16.77 -14.83 -0.56
C ASN A 196 -15.33 -14.52 -0.95
N PHE A 197 -14.83 -15.24 -1.96
CA PHE A 197 -13.52 -15.00 -2.53
C PHE A 197 -13.70 -14.56 -3.97
N HIS A 198 -13.00 -13.49 -4.34
CA HIS A 198 -12.87 -13.08 -5.74
C HIS A 198 -11.44 -13.38 -6.17
N MET A 199 -11.29 -14.33 -7.09
CA MET A 199 -9.98 -14.73 -7.59
C MET A 199 -9.81 -14.17 -9.00
N PHE A 200 -8.70 -13.47 -9.23
CA PHE A 200 -8.47 -12.72 -10.45
C PHE A 200 -7.35 -13.38 -11.24
N ASP A 201 -7.64 -13.72 -12.49
CA ASP A 201 -6.69 -14.36 -13.39
C ASP A 201 -6.37 -13.39 -14.51
N VAL A 202 -5.08 -13.14 -14.73
CA VAL A 202 -4.67 -12.18 -15.74
C VAL A 202 -5.01 -12.76 -17.12
N GLY A 203 -5.70 -11.96 -17.93
CA GLY A 203 -6.13 -12.39 -19.25
C GLY A 203 -5.20 -11.93 -20.34
N ALA A 204 -5.72 -11.15 -21.29
CA ALA A 204 -4.93 -10.68 -22.42
C ALA A 204 -4.01 -9.56 -21.96
N GLN A 205 -2.81 -9.94 -21.52
CA GLN A 205 -1.78 -8.98 -21.15
C GLN A 205 -0.47 -9.43 -21.76
N ARG A 206 0.44 -8.47 -21.95
CA ARG A 206 1.76 -8.81 -22.44
C ARG A 206 2.59 -9.44 -21.33
N ASP A 207 3.72 -10.04 -21.71
CA ASP A 207 4.54 -10.77 -20.77
C ASP A 207 5.29 -9.86 -19.80
N GLU A 208 5.31 -8.56 -20.04
CA GLU A 208 5.95 -7.62 -19.12
C GLU A 208 4.94 -7.22 -18.05
N ARG A 209 5.23 -7.58 -16.80
CA ARG A 209 4.26 -7.49 -15.73
C ARG A 209 4.66 -6.55 -14.60
N ARG A 210 5.73 -5.79 -14.74
CA ARG A 210 6.20 -4.98 -13.63
C ARG A 210 5.30 -3.78 -13.35
N LYS A 211 4.33 -3.50 -14.21
CA LYS A 211 3.46 -2.34 -14.03
C LYS A 211 2.04 -2.72 -13.60
N TRP A 212 1.41 -3.68 -14.28
CA TRP A 212 0.06 -4.04 -13.88
C TRP A 212 0.05 -4.87 -12.60
N ILE A 213 1.15 -5.54 -12.27
CA ILE A 213 1.21 -6.28 -11.02
C ILE A 213 1.01 -5.35 -9.83
N GLN A 214 1.44 -4.09 -9.94
CA GLN A 214 1.25 -3.13 -8.86
C GLN A 214 -0.21 -2.95 -8.51
N CYS A 215 -1.13 -3.27 -9.42
CA CYS A 215 -2.55 -3.11 -9.12
C CYS A 215 -2.99 -4.03 -7.99
N PHE A 216 -2.18 -5.04 -7.67
CA PHE A 216 -2.57 -6.07 -6.71
C PHE A 216 -1.78 -5.98 -5.41
N ASN A 217 -1.49 -4.78 -4.93
CA ASN A 217 -0.73 -4.66 -3.69
C ASN A 217 -1.61 -4.75 -2.45
N ASP A 218 -2.92 -4.91 -2.59
CA ASP A 218 -3.81 -4.96 -1.45
C ASP A 218 -4.67 -6.22 -1.42
N VAL A 219 -4.46 -7.15 -2.36
CA VAL A 219 -5.16 -8.42 -2.28
C VAL A 219 -4.74 -9.14 -1.02
N THR A 220 -5.60 -10.03 -0.53
CA THR A 220 -5.25 -10.76 0.68
C THR A 220 -4.17 -11.80 0.41
N ALA A 221 -4.18 -12.43 -0.76
CA ALA A 221 -3.22 -13.47 -1.06
C ALA A 221 -2.97 -13.55 -2.56
N ILE A 222 -1.79 -14.03 -2.90
CA ILE A 222 -1.43 -14.38 -4.26
C ILE A 222 -1.33 -15.90 -4.33
N ILE A 223 -2.18 -16.52 -5.13
CA ILE A 223 -2.12 -17.95 -5.37
C ILE A 223 -1.15 -18.17 -6.53
N PHE A 224 0.06 -18.64 -6.22
CA PHE A 224 1.09 -18.86 -7.22
C PHE A 224 1.13 -20.34 -7.55
N VAL A 225 0.74 -20.71 -8.77
CA VAL A 225 0.69 -22.09 -9.20
C VAL A 225 1.93 -22.39 -10.03
N VAL A 226 2.63 -23.47 -9.68
CA VAL A 226 3.86 -23.86 -10.36
C VAL A 226 3.78 -25.34 -10.70
N ASP A 227 4.10 -25.67 -11.96
CA ASP A 227 4.13 -27.06 -12.40
C ASP A 227 5.43 -27.71 -11.98
N SER A 228 5.34 -28.96 -11.52
CA SER A 228 6.53 -29.73 -11.15
C SER A 228 6.89 -30.65 -12.32
N SER A 229 7.82 -30.19 -13.14
CA SER A 229 8.27 -30.92 -14.33
C SER A 229 9.79 -30.78 -14.41
N ASP A 230 10.50 -31.85 -14.03
CA ASP A 230 11.96 -31.83 -13.99
C ASP A 230 12.53 -33.22 -14.23
N ASN A 232 13.49 -27.62 -18.68
CA ASN A 232 12.88 -27.59 -17.36
C ASN A 232 12.53 -26.17 -16.94
N ARG A 233 11.28 -25.97 -16.55
CA ARG A 233 10.76 -24.65 -16.23
C ARG A 233 10.87 -24.29 -14.76
N LEU A 234 11.42 -25.18 -13.92
CA LEU A 234 11.38 -24.94 -12.48
C LEU A 234 12.17 -23.70 -12.08
N GLN A 235 13.34 -23.48 -12.69
CA GLN A 235 14.10 -22.28 -12.35
C GLN A 235 13.36 -21.02 -12.75
N GLU A 236 12.62 -21.06 -13.87
CA GLU A 236 11.81 -19.93 -14.27
C GLU A 236 10.74 -19.62 -13.21
N ALA A 237 10.06 -20.66 -12.72
CA ALA A 237 9.07 -20.46 -11.67
C ALA A 237 9.71 -19.94 -10.40
N LEU A 238 10.91 -20.45 -10.07
CA LEU A 238 11.60 -19.95 -8.89
C LEU A 238 11.91 -18.47 -9.02
N ASN A 239 12.36 -18.04 -10.20
CA ASN A 239 12.66 -16.63 -10.41
C ASN A 239 11.38 -15.78 -10.35
N ASP A 240 10.28 -16.28 -10.92
CA ASP A 240 9.02 -15.56 -10.83
C ASP A 240 8.60 -15.39 -9.37
N PHE A 241 8.70 -16.47 -8.60
CA PHE A 241 8.33 -16.39 -7.18
C PHE A 241 9.24 -15.43 -6.44
N LYS A 242 10.53 -15.43 -6.77
CA LYS A 242 11.47 -14.52 -6.12
C LYS A 242 11.11 -13.06 -6.42
N SER A 243 10.79 -12.76 -7.68
CA SER A 243 10.40 -11.40 -8.04
C SER A 243 9.13 -10.98 -7.33
N ILE A 244 8.14 -11.87 -7.28
CA ILE A 244 6.89 -11.55 -6.59
C ILE A 244 7.16 -11.32 -5.12
N TRP A 245 7.99 -12.16 -4.52
CA TRP A 245 8.25 -12.08 -3.08
C TRP A 245 8.95 -10.77 -2.73
N ASN A 246 9.93 -10.37 -3.53
CA ASN A 246 10.80 -9.26 -3.16
C ASN A 246 10.35 -7.92 -3.74
N ASN A 247 9.24 -7.87 -4.47
CA ASN A 247 8.75 -6.62 -5.02
C ASN A 247 8.34 -5.67 -3.89
N ARG A 248 8.62 -4.39 -4.07
CA ARG A 248 8.32 -3.42 -3.02
C ARG A 248 6.82 -3.35 -2.74
N TRP A 249 6.00 -3.43 -3.77
CA TRP A 249 4.56 -3.30 -3.61
C TRP A 249 3.87 -4.61 -3.29
N LEU A 250 4.56 -5.74 -3.39
CA LEU A 250 4.02 -7.03 -2.99
C LEU A 250 4.73 -7.59 -1.76
N ARG A 251 5.44 -6.75 -1.01
CA ARG A 251 6.27 -7.22 0.10
C ARG A 251 5.48 -7.45 1.38
N THR A 252 4.16 -7.22 1.38
CA THR A 252 3.32 -7.55 2.52
C THR A 252 2.21 -8.52 2.14
N ILE A 253 2.25 -9.09 0.94
CA ILE A 253 1.21 -10.00 0.47
C ILE A 253 1.73 -11.41 0.65
N SER A 254 0.90 -12.27 1.23
CA SER A 254 1.25 -13.66 1.43
C SER A 254 0.92 -14.47 0.18
N VAL A 255 1.75 -15.48 -0.06
CA VAL A 255 1.64 -16.31 -1.26
C VAL A 255 1.19 -17.70 -0.84
N ILE A 256 0.08 -18.15 -1.40
CA ILE A 256 -0.34 -19.54 -1.32
C ILE A 256 0.29 -20.24 -2.52
N LEU A 257 1.26 -21.10 -2.28
CA LEU A 257 2.06 -21.70 -3.34
C LEU A 257 1.49 -23.09 -3.64
N PHE A 258 0.85 -23.22 -4.79
CA PHE A 258 0.32 -24.50 -5.24
C PHE A 258 1.36 -25.17 -6.13
N LEU A 259 2.02 -26.19 -5.60
CA LEU A 259 2.92 -27.03 -6.39
C LEU A 259 2.06 -28.05 -7.11
N ASN A 260 1.54 -27.64 -8.27
CA ASN A 260 0.51 -28.37 -8.99
C ASN A 260 1.11 -29.58 -9.70
N LYS A 261 0.22 -30.47 -10.17
CA LYS A 261 0.58 -31.57 -11.05
C LYS A 261 1.53 -32.54 -10.36
N GLN A 262 1.13 -33.02 -9.19
CA GLN A 262 2.01 -33.89 -8.41
C GLN A 262 1.92 -35.34 -8.87
N ASP A 263 0.81 -35.73 -9.49
CA ASP A 263 0.75 -37.04 -10.12
C ASP A 263 1.78 -37.12 -11.26
N LEU A 264 1.89 -36.05 -12.04
CA LEU A 264 2.91 -35.99 -13.07
C LEU A 264 4.30 -36.04 -12.47
N LEU A 265 4.51 -35.36 -11.34
CA LEU A 265 5.80 -35.41 -10.67
C LEU A 265 6.14 -36.82 -10.23
N ALA A 266 5.16 -37.54 -9.68
CA ALA A 266 5.39 -38.91 -9.25
C ALA A 266 5.72 -39.80 -10.44
N GLU A 267 4.97 -39.67 -11.53
CA GLU A 267 5.25 -40.48 -12.72
C GLU A 267 6.64 -40.19 -13.25
N LYS A 268 7.02 -38.90 -13.30
CA LYS A 268 8.33 -38.54 -13.83
C LYS A 268 9.46 -39.05 -12.93
N VAL A 269 9.30 -38.95 -11.62
CA VAL A 269 10.35 -39.42 -10.71
C VAL A 269 10.49 -40.94 -10.78
N LEU A 270 9.36 -41.65 -10.71
CA LEU A 270 9.43 -43.11 -10.75
C LEU A 270 10.03 -43.60 -12.06
N ALA A 271 9.69 -42.95 -13.17
CA ALA A 271 10.20 -43.38 -14.47
C ALA A 271 11.72 -43.43 -14.50
N GLY A 272 12.39 -42.44 -13.91
CA GLY A 272 13.85 -42.47 -13.82
C GLY A 272 14.54 -41.87 -15.02
N LYS A 273 13.78 -41.53 -16.06
CA LYS A 273 14.39 -40.97 -17.27
C LYS A 273 14.84 -39.54 -17.06
N SER A 274 14.12 -38.77 -16.26
CA SER A 274 14.44 -37.37 -15.99
C SER A 274 15.07 -37.27 -14.60
N LYS A 275 16.20 -36.58 -14.52
CA LYS A 275 16.97 -36.47 -13.28
C LYS A 275 16.95 -35.02 -12.81
N ILE A 276 16.56 -34.81 -11.55
CA ILE A 276 16.53 -33.46 -11.00
C ILE A 276 17.94 -32.91 -10.88
N GLU A 277 18.93 -33.77 -10.67
CA GLU A 277 20.30 -33.30 -10.51
C GLU A 277 20.80 -32.59 -11.77
N ASP A 278 20.28 -32.95 -12.94
CA ASP A 278 20.68 -32.29 -14.18
C ASP A 278 20.25 -30.83 -14.20
N TYR A 279 19.29 -30.44 -13.38
CA TYR A 279 18.84 -29.06 -13.27
C TYR A 279 19.16 -28.42 -11.94
N PHE A 280 19.14 -29.21 -10.87
CA PHE A 280 19.46 -28.72 -9.52
C PHE A 280 20.51 -29.65 -8.92
N PRO A 281 21.80 -29.32 -9.12
CA PRO A 281 22.85 -30.22 -8.63
C PRO A 281 22.80 -30.43 -7.12
N GLU A 282 22.30 -29.46 -6.35
CA GLU A 282 22.24 -29.63 -4.90
C GLU A 282 21.36 -30.82 -4.52
N PHE A 283 20.47 -31.25 -5.40
CA PHE A 283 19.65 -32.43 -5.13
C PHE A 283 20.49 -33.68 -4.99
N ALA A 284 21.72 -33.69 -5.51
CA ALA A 284 22.56 -34.87 -5.42
C ALA A 284 22.89 -35.23 -3.98
N ARG A 285 22.76 -34.28 -3.06
CA ARG A 285 23.05 -34.51 -1.65
C ARG A 285 21.91 -34.15 -0.72
N TYR A 286 20.75 -33.77 -1.23
CA TYR A 286 19.61 -33.48 -0.38
C TYR A 286 18.98 -34.78 0.11
N THR A 287 18.66 -34.83 1.40
CA THR A 287 18.00 -35.97 2.01
C THR A 287 16.75 -35.49 2.74
N THR A 288 15.73 -36.33 2.73
CA THR A 288 14.44 -35.93 3.27
C THR A 288 14.57 -35.61 4.76
N PRO A 289 13.99 -34.51 5.24
CA PRO A 289 14.01 -34.26 6.68
C PRO A 289 13.26 -35.34 7.44
N GLU A 290 13.67 -35.57 8.68
CA GLU A 290 13.03 -36.60 9.49
C GLU A 290 11.67 -36.16 10.02
N ASP A 291 11.37 -34.86 9.99
CA ASP A 291 10.09 -34.35 10.47
C ASP A 291 9.09 -34.13 9.35
N ALA A 292 9.42 -34.49 8.11
CA ALA A 292 8.50 -34.29 7.00
C ALA A 292 7.37 -35.29 7.06
N THR A 293 6.15 -34.81 6.83
CA THR A 293 5.00 -35.69 6.74
C THR A 293 5.19 -36.61 5.53
N PRO A 294 4.82 -37.89 5.62
CA PRO A 294 5.14 -38.81 4.54
C PRO A 294 4.06 -38.90 3.46
N GLU A 295 2.84 -38.50 3.79
CA GLU A 295 1.71 -38.70 2.88
C GLU A 295 1.67 -40.17 2.47
N PRO A 296 1.23 -41.06 3.37
CA PRO A 296 1.40 -42.51 3.16
C PRO A 296 1.12 -42.98 1.73
N GLY A 297 1.90 -43.96 1.28
CA GLY A 297 1.75 -44.53 -0.03
C GLY A 297 2.68 -43.96 -1.09
N GLU A 298 3.70 -43.20 -0.69
CA GLU A 298 4.63 -42.57 -1.63
C GLU A 298 5.98 -43.25 -1.53
N ASP A 299 6.52 -43.64 -2.68
CA ASP A 299 7.88 -44.19 -2.71
C ASP A 299 8.85 -43.11 -2.24
N PRO A 300 9.87 -43.46 -1.45
CA PRO A 300 10.72 -42.42 -0.85
C PRO A 300 11.32 -41.45 -1.86
N ARG A 301 11.56 -41.91 -3.09
CA ARG A 301 12.10 -41.02 -4.10
C ARG A 301 11.13 -39.88 -4.40
N VAL A 302 9.85 -40.19 -4.52
CA VAL A 302 8.85 -39.16 -4.79
C VAL A 302 8.83 -38.14 -3.64
N THR A 303 8.85 -38.64 -2.41
CA THR A 303 8.85 -37.74 -1.26
C THR A 303 10.08 -36.84 -1.27
N ARG A 304 11.26 -37.42 -1.53
CA ARG A 304 12.47 -36.63 -1.56
C ARG A 304 12.40 -35.54 -2.62
N ALA A 305 11.95 -35.91 -3.82
CA ALA A 305 11.87 -34.94 -4.91
C ALA A 305 10.88 -33.82 -4.57
N LYS A 306 9.69 -34.19 -4.13
CA LYS A 306 8.66 -33.18 -3.87
C LYS A 306 9.07 -32.26 -2.73
N TYR A 307 9.71 -32.80 -1.69
CA TYR A 307 10.11 -31.95 -0.59
C TYR A 307 11.32 -31.09 -0.95
N PHE A 308 12.18 -31.56 -1.85
CA PHE A 308 13.25 -30.68 -2.34
C PHE A 308 12.68 -29.52 -3.14
N ILE A 309 11.70 -29.81 -4.00
CA ILE A 309 11.08 -28.75 -4.78
C ILE A 309 10.39 -27.75 -3.87
N ARG A 310 9.68 -28.24 -2.85
CA ARG A 310 9.07 -27.34 -1.88
C ARG A 310 10.13 -26.51 -1.16
N LYS A 311 11.25 -27.15 -0.79
CA LYS A 311 12.29 -26.46 -0.05
C LYS A 311 12.91 -25.35 -0.86
N GLU A 312 12.96 -25.49 -2.18
CA GLU A 312 13.47 -24.40 -3.02
C GLU A 312 12.66 -23.12 -2.81
N PHE A 313 11.34 -23.22 -2.96
CA PHE A 313 10.50 -22.05 -2.80
C PHE A 313 10.49 -21.57 -1.36
N VAL A 314 10.55 -22.49 -0.40
CA VAL A 314 10.57 -22.07 1.01
C VAL A 314 11.85 -21.33 1.32
N ASP A 315 12.97 -21.77 0.73
CA ASP A 315 14.23 -21.04 0.89
C ASP A 315 14.11 -19.64 0.32
N ILE A 316 13.53 -19.51 -0.88
CA ILE A 316 13.35 -18.19 -1.45
C ILE A 316 12.51 -17.32 -0.52
N SER A 317 11.44 -17.88 0.05
CA SER A 317 10.51 -17.09 0.83
C SER A 317 11.10 -16.67 2.18
N THR A 318 11.87 -17.56 2.82
CA THR A 318 12.41 -17.24 4.14
C THR A 318 13.72 -16.47 4.07
N ALA A 319 14.45 -16.57 2.95
CA ALA A 319 15.74 -15.92 2.85
C ALA A 319 15.65 -14.42 2.72
N SER A 320 14.49 -13.88 2.37
CA SER A 320 14.33 -12.45 2.14
C SER A 320 13.10 -11.94 2.86
N GLY A 321 13.08 -10.64 3.12
CA GLY A 321 11.99 -10.07 3.87
C GLY A 321 12.02 -10.52 5.32
N ASP A 322 10.85 -10.50 5.94
CA ASP A 322 10.69 -10.96 7.31
C ASP A 322 9.28 -11.50 7.47
N GLY A 323 8.83 -11.66 8.71
CA GLY A 323 7.53 -12.22 8.98
C GLY A 323 6.36 -11.36 8.55
N ARG A 324 6.64 -10.26 7.83
CA ARG A 324 5.56 -9.42 7.32
C ARG A 324 4.66 -10.15 6.34
N HIS A 325 5.13 -11.24 5.72
CA HIS A 325 4.27 -12.09 4.91
C HIS A 325 4.84 -13.49 4.91
N ILE A 326 3.97 -14.46 4.59
CA ILE A 326 4.27 -15.87 4.76
C ILE A 326 3.89 -16.61 3.48
N CYS A 327 4.69 -17.61 3.11
CA CYS A 327 4.38 -18.50 2.01
C CYS A 327 3.75 -19.78 2.57
N TYR A 328 2.68 -20.23 1.93
CA TYR A 328 1.96 -21.43 2.36
C TYR A 328 2.05 -22.49 1.28
N PRO A 329 3.06 -23.35 1.31
CA PRO A 329 3.21 -24.35 0.24
C PRO A 329 2.21 -25.48 0.36
N HIS A 330 1.70 -25.91 -0.78
CA HIS A 330 0.80 -27.05 -0.86
C HIS A 330 1.18 -27.92 -2.04
N PHE A 331 1.11 -29.23 -1.84
CA PHE A 331 1.18 -30.16 -2.95
C PHE A 331 -0.24 -30.42 -3.45
N THR A 332 -0.51 -30.06 -4.69
CA THR A 332 -1.86 -30.13 -5.22
C THR A 332 -1.84 -30.75 -6.61
N CYS A 333 -3.00 -31.24 -7.01
CA CYS A 333 -3.27 -31.65 -8.37
C CYS A 333 -4.50 -30.90 -8.86
N SER A 334 -4.55 -30.62 -10.16
CA SER A 334 -5.68 -29.87 -10.70
C SER A 334 -6.99 -30.63 -10.49
N VAL A 335 -6.93 -31.94 -10.25
CA VAL A 335 -8.13 -32.71 -9.96
C VAL A 335 -8.56 -32.59 -8.50
N ASP A 336 -7.67 -32.13 -7.61
CA ASP A 336 -7.99 -32.07 -6.19
C ASP A 336 -9.26 -31.26 -5.95
N THR A 337 -10.18 -31.84 -5.17
CA THR A 337 -11.43 -31.16 -4.86
C THR A 337 -11.33 -30.28 -3.62
N GLU A 338 -10.21 -30.32 -2.92
CA GLU A 338 -10.04 -29.58 -1.67
C GLU A 338 -9.22 -28.31 -1.85
N ASN A 339 -8.82 -27.98 -3.07
CA ASN A 339 -8.03 -26.76 -3.29
C ASN A 339 -8.71 -25.56 -2.66
N ALA A 340 -10.00 -25.36 -2.96
CA ALA A 340 -10.72 -24.24 -2.37
C ALA A 340 -10.55 -24.24 -0.85
N ARG A 341 -10.80 -25.37 -0.21
CA ARG A 341 -10.65 -25.43 1.24
C ARG A 341 -9.27 -24.96 1.65
N ARG A 342 -8.22 -25.45 0.97
CA ARG A 342 -6.88 -25.01 1.32
C ARG A 342 -6.78 -23.49 1.32
N ILE A 343 -7.26 -22.85 0.26
CA ILE A 343 -7.20 -21.39 0.21
C ILE A 343 -7.88 -20.81 1.44
N PHE A 344 -9.08 -21.30 1.76
CA PHE A 344 -9.77 -20.83 2.94
C PHE A 344 -8.87 -20.98 4.17
N ASN A 345 -8.34 -22.17 4.38
CA ASN A 345 -7.52 -22.41 5.58
C ASN A 345 -6.35 -21.45 5.63
N ASP A 346 -5.82 -21.06 4.47
CA ASP A 346 -4.69 -20.13 4.47
C ASP A 346 -5.16 -18.72 4.73
N CYS A 347 -6.30 -18.32 4.16
CA CYS A 347 -6.78 -16.96 4.37
C CYS A 347 -7.09 -16.72 5.83
N LYS A 348 -7.72 -17.69 6.50
CA LYS A 348 -7.94 -17.58 7.93
C LYS A 348 -6.66 -17.22 8.65
N ASP A 349 -5.55 -17.84 8.25
CA ASP A 349 -4.28 -17.51 8.88
C ASP A 349 -3.85 -16.12 8.49
N ILE A 350 -3.92 -15.78 7.21
CA ILE A 350 -3.48 -14.47 6.77
C ILE A 350 -4.26 -13.38 7.49
N ILE A 351 -5.59 -13.48 7.46
CA ILE A 351 -6.40 -12.51 8.20
C ILE A 351 -6.00 -12.51 9.66
N LEU A 352 -5.80 -13.69 10.26
CA LEU A 352 -5.39 -13.75 11.65
C LEU A 352 -4.16 -12.89 11.88
N GLN A 353 -3.16 -13.02 11.00
CA GLN A 353 -1.93 -12.27 11.21
C GLN A 353 -2.18 -10.78 11.21
N MET A 354 -3.15 -10.31 10.43
CA MET A 354 -3.47 -8.88 10.46
C MET A 354 -4.28 -8.53 11.69
N ASN A 355 -5.18 -9.42 12.12
CA ASN A 355 -5.97 -9.13 13.30
C ASN A 355 -5.09 -8.91 14.52
N LEU A 356 -4.05 -9.74 14.68
CA LEU A 356 -3.13 -9.53 15.79
C LEU A 356 -2.62 -8.09 15.81
N ARG A 357 -2.44 -7.49 14.63
CA ARG A 357 -2.02 -6.09 14.58
C ARG A 357 -3.21 -5.16 14.79
N GLU A 358 -4.36 -5.48 14.19
CA GLU A 358 -5.49 -4.57 14.23
C GLU A 358 -6.09 -4.46 15.62
N TYR A 359 -5.85 -5.46 16.47
CA TYR A 359 -6.42 -5.50 17.81
C TYR A 359 -5.36 -5.31 18.89
N ASN A 360 -4.24 -4.67 18.56
CA ASN A 360 -3.23 -4.28 19.54
C ASN A 360 -2.67 -5.49 20.28
N LEU A 361 -2.65 -6.64 19.63
CA LEU A 361 -2.10 -7.84 20.26
C LEU A 361 -0.61 -8.01 19.97
N VAL A 362 -0.09 -7.32 18.95
CA VAL A 362 1.33 -7.35 18.66
C VAL A 362 1.78 -5.96 18.20
N GLU B 8 18.02 -6.17 -45.45
CA GLU B 8 18.71 -7.19 -44.62
C GLU B 8 18.84 -6.69 -43.19
N LEU B 9 18.81 -7.62 -42.23
CA LEU B 9 18.75 -7.24 -40.82
C LEU B 9 20.00 -6.46 -40.40
N ASP B 10 21.18 -7.00 -40.68
CA ASP B 10 22.41 -6.34 -40.25
C ASP B 10 22.59 -5.01 -40.96
N GLN B 11 22.32 -4.97 -42.26
CA GLN B 11 22.45 -3.72 -43.00
C GLN B 11 21.57 -2.63 -42.41
N LEU B 12 20.31 -2.97 -42.14
CA LEU B 12 19.37 -1.99 -41.60
C LEU B 12 19.77 -1.61 -40.17
N ARG B 13 20.32 -2.54 -39.41
CA ARG B 13 20.80 -2.20 -38.07
C ARG B 13 21.93 -1.18 -38.13
N GLN B 14 22.90 -1.39 -39.04
CA GLN B 14 23.98 -0.43 -39.19
C GLN B 14 23.45 0.93 -39.64
N GLU B 15 22.49 0.92 -40.57
CA GLU B 15 21.90 2.18 -41.02
C GLU B 15 21.20 2.90 -39.87
N ALA B 16 20.48 2.15 -39.04
CA ALA B 16 19.79 2.76 -37.90
C ALA B 16 20.78 3.36 -36.93
N GLU B 17 21.89 2.66 -36.66
CA GLU B 17 22.90 3.20 -35.75
C GLU B 17 23.54 4.46 -36.33
N GLN B 18 23.83 4.46 -37.62
CA GLN B 18 24.41 5.66 -38.25
C GLN B 18 23.44 6.84 -38.17
N LEU B 19 22.15 6.59 -38.43
CA LEU B 19 21.17 7.66 -38.32
C LEU B 19 21.03 8.13 -36.87
N LYS B 20 21.17 7.22 -35.91
CA LYS B 20 21.15 7.64 -34.50
C LYS B 20 22.31 8.56 -34.20
N ASN B 21 23.50 8.23 -34.70
CA ASN B 21 24.66 9.10 -34.52
C ASN B 21 24.41 10.46 -35.18
N GLN B 22 23.83 10.45 -36.38
CA GLN B 22 23.55 11.70 -37.08
C GLN B 22 22.59 12.58 -36.27
N ILE B 23 21.53 11.98 -35.74
CA ILE B 23 20.55 12.75 -34.96
C ILE B 23 21.19 13.28 -33.70
N ARG B 24 22.02 12.45 -33.04
CA ARG B 24 22.72 12.91 -31.84
C ARG B 24 23.61 14.10 -32.16
N ASP B 25 24.35 14.02 -33.26
CA ASP B 25 25.24 15.12 -33.63
C ASP B 25 24.45 16.38 -33.98
N ALA B 26 23.32 16.23 -34.67
CA ALA B 26 22.52 17.39 -35.02
C ALA B 26 21.98 18.08 -33.76
N ARG B 27 21.44 17.30 -32.82
CA ARG B 27 20.88 17.90 -31.62
C ARG B 27 21.97 18.39 -30.67
N LYS B 28 23.19 17.89 -30.81
CA LYS B 28 24.31 18.45 -30.07
C LYS B 28 24.76 19.77 -30.68
N ALA B 29 24.74 19.86 -32.02
CA ALA B 29 25.03 21.12 -32.67
C ALA B 29 24.01 22.19 -32.31
N CYS B 30 22.74 21.81 -32.20
CA CYS B 30 21.72 22.76 -31.74
C CYS B 30 21.92 23.15 -30.29
N ALA B 31 22.72 22.40 -29.53
CA ALA B 31 22.89 22.65 -28.09
C ALA B 31 24.01 23.68 -27.86
N ASP B 32 23.75 24.90 -28.32
CA ASP B 32 24.72 25.97 -28.15
C ASP B 32 24.86 26.39 -26.70
N ALA B 33 23.77 26.32 -25.93
CA ALA B 33 23.80 26.71 -24.52
C ALA B 33 22.80 25.85 -23.76
N THR B 34 22.96 25.82 -22.44
CA THR B 34 22.06 25.08 -21.57
C THR B 34 21.03 26.00 -20.94
N LEU B 35 19.95 25.40 -20.45
CA LEU B 35 18.91 26.18 -19.78
C LEU B 35 19.44 26.80 -18.49
N SER B 36 20.29 26.07 -17.76
CA SER B 36 20.82 26.59 -16.51
C SER B 36 21.68 27.82 -16.75
N GLN B 37 22.56 27.77 -17.75
CA GLN B 37 23.41 28.90 -18.07
C GLN B 37 22.61 30.12 -18.54
N ILE B 38 21.37 29.93 -18.95
CA ILE B 38 20.54 31.02 -19.45
C ILE B 38 19.62 31.58 -18.36
N THR B 39 19.16 30.72 -17.45
CA THR B 39 18.23 31.12 -16.41
C THR B 39 18.92 31.54 -15.11
N ASN B 40 20.24 31.44 -15.02
CA ASN B 40 20.92 31.68 -13.76
C ASN B 40 20.67 33.09 -13.23
N ASN B 41 20.41 34.04 -14.12
CA ASN B 41 20.24 35.43 -13.70
C ASN B 41 18.85 35.74 -13.15
N ILE B 42 17.91 34.80 -13.23
CA ILE B 42 16.56 35.03 -12.72
C ILE B 42 16.52 34.76 -11.23
N ASP B 43 15.67 35.50 -10.52
CA ASP B 43 15.60 35.36 -9.08
C ASP B 43 14.94 34.02 -8.73
N PRO B 44 15.47 33.28 -7.75
CA PRO B 44 14.80 32.07 -7.29
C PRO B 44 13.33 32.33 -7.00
N VAL B 45 12.53 31.26 -7.07
CA VAL B 45 11.11 31.35 -6.79
C VAL B 45 10.79 31.52 -5.32
N GLY B 46 11.77 31.25 -4.44
CA GLY B 46 11.52 31.26 -3.02
C GLY B 46 10.97 29.93 -2.55
N ARG B 47 10.67 29.88 -1.25
CA ARG B 47 10.11 28.67 -0.65
C ARG B 47 8.61 28.66 -0.90
N ILE B 48 8.14 27.65 -1.61
CA ILE B 48 6.72 27.53 -1.94
C ILE B 48 6.04 26.73 -0.83
N GLN B 49 5.34 27.42 0.05
CA GLN B 49 4.62 26.79 1.16
C GLN B 49 3.15 26.66 0.78
N MET B 50 2.66 25.43 0.73
CA MET B 50 1.29 25.16 0.34
C MET B 50 0.63 24.30 1.40
N ARG B 51 -0.65 24.56 1.64
CA ARG B 51 -1.39 23.89 2.70
C ARG B 51 -2.59 23.16 2.12
N THR B 52 -3.00 22.12 2.84
CA THR B 52 -4.14 21.30 2.44
C THR B 52 -5.43 22.01 2.80
N ARG B 53 -6.09 22.60 1.80
CA ARG B 53 -7.37 23.24 2.03
C ARG B 53 -8.51 22.23 2.16
N ARG B 54 -8.46 21.14 1.41
CA ARG B 54 -9.54 20.16 1.43
C ARG B 54 -8.92 18.77 1.50
N THR B 55 -9.69 17.83 2.05
CA THR B 55 -9.36 16.42 1.99
C THR B 55 -10.62 15.68 1.59
N LEU B 56 -10.51 14.84 0.57
CA LEU B 56 -11.66 14.16 -0.03
C LEU B 56 -11.61 12.70 0.40
N ARG B 57 -12.66 12.26 1.10
CA ARG B 57 -12.74 10.91 1.65
C ARG B 57 -13.96 10.22 1.08
N GLY B 58 -13.85 8.90 0.90
CA GLY B 58 -14.95 8.14 0.34
C GLY B 58 -14.50 6.98 -0.52
N HIS B 59 -13.25 6.99 -0.96
CA HIS B 59 -12.73 5.87 -1.71
C HIS B 59 -12.27 4.77 -0.76
N LEU B 60 -12.69 3.54 -1.05
CA LEU B 60 -12.36 2.41 -0.21
C LEU B 60 -10.94 1.91 -0.41
N ALA B 61 -10.43 1.96 -1.63
CA ALA B 61 -9.12 1.43 -1.97
C ALA B 61 -8.24 2.57 -2.47
N LYS B 62 -7.04 2.21 -2.93
CA LYS B 62 -6.10 3.19 -3.43
C LYS B 62 -6.67 3.94 -4.63
N ILE B 63 -6.37 5.23 -4.70
CA ILE B 63 -6.74 6.03 -5.86
C ILE B 63 -5.65 5.88 -6.91
N TYR B 64 -6.05 5.60 -8.15
CA TYR B 64 -5.09 5.41 -9.22
C TYR B 64 -4.97 6.61 -10.14
N ALA B 65 -6.05 7.35 -10.36
CA ALA B 65 -6.00 8.51 -11.23
C ALA B 65 -7.05 9.52 -10.81
N MET B 66 -6.78 10.79 -11.12
CA MET B 66 -7.76 11.86 -10.94
C MET B 66 -7.59 12.83 -12.09
N HIS B 67 -8.64 13.59 -12.37
CA HIS B 67 -8.61 14.58 -13.44
C HIS B 67 -9.55 15.71 -13.09
N TRP B 68 -9.07 16.95 -13.22
CA TRP B 68 -9.89 18.12 -12.97
C TRP B 68 -10.83 18.38 -14.13
N GLY B 69 -12.01 18.89 -13.82
CA GLY B 69 -12.86 19.43 -14.86
C GLY B 69 -12.39 20.78 -15.32
N THR B 70 -12.81 21.16 -16.53
CA THR B 70 -12.38 22.45 -17.09
C THR B 70 -12.88 23.62 -16.26
N ASP B 71 -13.96 23.44 -15.50
CA ASP B 71 -14.46 24.52 -14.67
C ASP B 71 -13.59 24.79 -13.45
N SER B 72 -12.63 23.92 -13.15
CA SER B 72 -11.71 24.07 -12.03
C SER B 72 -12.38 23.82 -10.69
N ARG B 73 -13.58 23.26 -10.69
CA ARG B 73 -14.31 23.02 -9.44
C ARG B 73 -14.59 21.53 -9.27
N LEU B 74 -15.09 20.89 -10.33
CA LEU B 74 -15.44 19.48 -10.28
C LEU B 74 -14.24 18.64 -10.71
N LEU B 75 -14.04 17.52 -10.02
CA LEU B 75 -12.93 16.64 -10.33
C LEU B 75 -13.36 15.19 -10.18
N VAL B 76 -12.93 14.35 -11.12
CA VAL B 76 -13.21 12.92 -11.08
C VAL B 76 -11.98 12.19 -10.59
N SER B 77 -12.19 11.22 -9.71
CA SER B 77 -11.13 10.34 -9.25
C SER B 77 -11.57 8.91 -9.45
N ALA B 78 -10.59 8.03 -9.67
CA ALA B 78 -10.83 6.61 -9.89
C ALA B 78 -10.09 5.82 -8.82
N SER B 79 -10.80 4.88 -8.20
CA SER B 79 -10.18 4.00 -7.21
C SER B 79 -10.35 2.56 -7.66
N GLN B 80 -9.41 1.73 -7.23
CA GLN B 80 -9.42 0.32 -7.60
C GLN B 80 -10.35 -0.50 -6.74
N ASP B 81 -11.14 0.14 -5.89
CA ASP B 81 -12.32 -0.50 -5.33
C ASP B 81 -13.45 -0.58 -6.35
N GLY B 82 -13.31 0.06 -7.50
CA GLY B 82 -14.26 -0.05 -8.57
C GLY B 82 -15.23 1.10 -8.64
N LYS B 83 -14.76 2.32 -8.39
CA LYS B 83 -15.63 3.49 -8.40
C LYS B 83 -14.92 4.70 -8.98
N LEU B 84 -15.70 5.46 -9.75
CA LEU B 84 -15.37 6.84 -10.10
C LEU B 84 -16.19 7.76 -9.22
N ILE B 85 -15.55 8.70 -8.56
CA ILE B 85 -16.26 9.71 -7.79
C ILE B 85 -15.99 11.07 -8.43
N ILE B 86 -17.07 11.74 -8.83
CA ILE B 86 -17.00 13.14 -9.24
C ILE B 86 -17.34 13.98 -8.03
N TRP B 87 -16.35 14.72 -7.53
CA TRP B 87 -16.47 15.59 -6.37
C TRP B 87 -16.61 17.04 -6.80
N ASP B 88 -17.27 17.82 -5.96
CA ASP B 88 -17.19 19.27 -5.99
C ASP B 88 -16.12 19.70 -4.99
N SER B 89 -14.99 20.19 -5.48
CA SER B 89 -13.86 20.47 -4.61
C SER B 89 -14.12 21.63 -3.66
N TYR B 90 -14.96 22.59 -4.05
CA TYR B 90 -15.23 23.73 -3.18
C TYR B 90 -15.88 23.28 -1.88
N THR B 91 -16.91 22.45 -1.98
CA THR B 91 -17.67 22.00 -0.81
C THR B 91 -17.30 20.60 -0.36
N THR B 92 -16.57 19.84 -1.19
CA THR B 92 -16.27 18.43 -0.96
C THR B 92 -17.50 17.55 -1.10
N ASN B 93 -18.59 18.09 -1.65
CA ASN B 93 -19.76 17.28 -1.93
C ASN B 93 -19.46 16.30 -3.06
N LYS B 94 -19.94 15.07 -2.91
CA LYS B 94 -19.81 14.08 -3.97
C LYS B 94 -20.96 14.27 -4.96
N VAL B 95 -20.62 14.65 -6.19
CA VAL B 95 -21.64 14.88 -7.20
C VAL B 95 -22.07 13.58 -7.85
N HIS B 96 -21.14 12.67 -8.13
CA HIS B 96 -21.49 11.39 -8.72
C HIS B 96 -20.62 10.30 -8.13
N ALA B 97 -21.18 9.08 -8.07
CA ALA B 97 -20.43 7.89 -7.70
C ALA B 97 -20.83 6.78 -8.66
N ILE B 98 -19.97 6.53 -9.65
CA ILE B 98 -20.21 5.59 -10.75
C ILE B 98 -19.56 4.25 -10.36
N PRO B 99 -20.32 3.16 -10.24
CA PRO B 99 -19.71 1.85 -10.01
C PRO B 99 -19.24 1.25 -11.33
N LEU B 100 -18.02 0.74 -11.34
CA LEU B 100 -17.41 0.24 -12.56
C LEU B 100 -17.60 -1.27 -12.68
N ARG B 101 -17.70 -1.74 -13.92
CA ARG B 101 -17.86 -3.17 -14.17
C ARG B 101 -16.56 -3.92 -13.90
N SER B 102 -15.42 -3.26 -14.02
CA SER B 102 -14.13 -3.84 -13.69
C SER B 102 -13.45 -2.95 -12.67
N SER B 103 -13.07 -3.55 -11.54
CA SER B 103 -12.56 -2.76 -10.43
C SER B 103 -11.10 -2.37 -10.59
N TRP B 104 -10.43 -2.88 -11.63
CA TRP B 104 -9.00 -2.61 -11.78
C TRP B 104 -8.77 -1.42 -12.69
N VAL B 105 -9.32 -0.27 -12.30
CA VAL B 105 -9.20 0.94 -13.11
C VAL B 105 -7.87 1.61 -12.83
N MET B 106 -7.19 2.03 -13.90
CA MET B 106 -5.89 2.67 -13.79
C MET B 106 -5.88 4.10 -14.30
N THR B 107 -6.95 4.57 -14.94
CA THR B 107 -7.00 5.92 -15.48
C THR B 107 -8.43 6.41 -15.50
N CYS B 108 -8.59 7.74 -15.47
CA CYS B 108 -9.88 8.37 -15.64
C CYS B 108 -9.68 9.70 -16.33
N ALA B 109 -10.70 10.14 -17.06
CA ALA B 109 -10.65 11.39 -17.80
C ALA B 109 -11.98 12.11 -17.69
N TYR B 110 -11.91 13.43 -17.77
CA TYR B 110 -13.06 14.32 -17.71
C TYR B 110 -13.19 15.05 -19.03
N ALA B 111 -14.31 14.89 -19.71
CA ALA B 111 -14.49 15.55 -20.98
C ALA B 111 -14.40 17.06 -20.78
N PRO B 112 -13.76 17.79 -21.69
CA PRO B 112 -13.67 19.25 -21.52
C PRO B 112 -15.02 19.93 -21.47
N SER B 113 -16.07 19.33 -22.04
CA SER B 113 -17.41 19.89 -21.92
C SER B 113 -18.09 19.51 -20.61
N GLY B 114 -17.55 18.54 -19.88
CA GLY B 114 -18.15 18.09 -18.64
C GLY B 114 -19.28 17.12 -18.82
N ASN B 115 -19.63 16.75 -20.04
CA ASN B 115 -20.78 15.87 -20.26
C ASN B 115 -20.43 14.40 -20.07
N TYR B 116 -19.15 14.04 -20.19
CA TYR B 116 -18.74 12.64 -20.14
C TYR B 116 -17.51 12.50 -19.26
N VAL B 117 -17.35 11.30 -18.72
CA VAL B 117 -16.09 10.88 -18.14
C VAL B 117 -15.68 9.58 -18.82
N ALA B 118 -14.42 9.20 -18.65
CA ALA B 118 -13.90 7.97 -19.21
C ALA B 118 -13.05 7.28 -18.18
N CYS B 119 -12.95 5.96 -18.29
CA CYS B 119 -12.08 5.21 -17.40
C CYS B 119 -11.78 3.85 -18.01
N GLY B 120 -10.62 3.31 -17.65
CA GLY B 120 -10.23 1.99 -18.12
C GLY B 120 -9.14 1.46 -17.24
N GLY B 121 -8.70 0.25 -17.55
CA GLY B 121 -7.66 -0.37 -16.76
C GLY B 121 -7.27 -1.74 -17.28
N LEU B 122 -7.14 -2.71 -16.38
CA LEU B 122 -6.72 -4.06 -16.78
C LEU B 122 -7.76 -4.76 -17.63
N ASP B 123 -8.98 -4.22 -17.74
CA ASP B 123 -9.97 -4.82 -18.62
C ASP B 123 -9.71 -4.54 -20.09
N ASN B 124 -8.73 -3.70 -20.41
CA ASN B 124 -8.35 -3.34 -21.78
C ASN B 124 -9.44 -2.60 -22.52
N ILE B 125 -10.38 -1.97 -21.81
CA ILE B 125 -11.52 -1.31 -22.42
C ILE B 125 -11.64 0.09 -21.85
N CYS B 126 -11.95 1.06 -22.70
CA CYS B 126 -12.20 2.44 -22.28
C CYS B 126 -13.70 2.65 -22.21
N SER B 127 -14.24 2.76 -21.01
CA SER B 127 -15.66 2.99 -20.80
C SER B 127 -15.91 4.49 -20.75
N ILE B 128 -16.85 4.95 -21.57
CA ILE B 128 -17.27 6.34 -21.63
C ILE B 128 -18.63 6.42 -20.96
N TYR B 129 -18.71 7.25 -19.92
CA TYR B 129 -19.90 7.41 -19.08
C TYR B 129 -20.52 8.77 -19.36
N ASN B 130 -21.83 8.78 -19.60
CA ASN B 130 -22.56 10.01 -19.87
C ASN B 130 -23.08 10.60 -18.55
N LEU B 131 -22.69 11.84 -18.27
CA LEU B 131 -23.05 12.48 -17.01
C LEU B 131 -24.31 13.32 -17.10
N LYS B 132 -24.81 13.59 -18.29
CA LYS B 132 -25.94 14.51 -18.50
C LYS B 132 -27.12 13.78 -19.11
N THR B 133 -27.42 12.59 -18.62
CA THR B 133 -28.59 11.87 -19.10
C THR B 133 -29.87 12.57 -18.67
N ARG B 134 -30.89 12.48 -19.54
CA ARG B 134 -32.17 13.09 -19.23
C ARG B 134 -32.82 12.44 -18.00
N GLU B 135 -32.60 11.15 -17.80
CA GLU B 135 -33.17 10.45 -16.67
C GLU B 135 -32.49 10.81 -15.34
N GLY B 136 -31.39 11.54 -15.38
CA GLY B 136 -30.71 11.95 -14.16
C GLY B 136 -29.87 10.89 -13.51
N ASN B 137 -29.48 9.85 -14.25
CA ASN B 137 -28.63 8.78 -13.73
C ASN B 137 -27.51 8.52 -14.72
N VAL B 138 -26.32 8.20 -14.18
CA VAL B 138 -25.16 7.99 -15.03
C VAL B 138 -25.19 6.58 -15.62
N ARG B 139 -24.76 6.48 -16.88
CA ARG B 139 -24.80 5.22 -17.61
C ARG B 139 -23.55 5.09 -18.44
N VAL B 140 -23.20 3.84 -18.78
CA VAL B 140 -22.10 3.59 -19.69
C VAL B 140 -22.56 3.96 -21.10
N SER B 141 -22.08 5.10 -21.60
CA SER B 141 -22.43 5.50 -22.95
C SER B 141 -21.79 4.59 -23.99
N ARG B 142 -20.52 4.25 -23.80
CA ARG B 142 -19.81 3.48 -24.80
C ARG B 142 -18.74 2.63 -24.13
N GLU B 143 -18.33 1.57 -24.81
CA GLU B 143 -17.24 0.70 -24.37
C GLU B 143 -16.29 0.49 -25.53
N LEU B 144 -15.21 1.25 -25.56
CA LEU B 144 -14.21 1.19 -26.62
C LEU B 144 -13.31 -0.01 -26.36
N ALA B 145 -13.38 -1.00 -27.24
CA ALA B 145 -12.57 -2.20 -27.15
C ALA B 145 -11.70 -2.30 -28.39
N GLY B 146 -10.57 -3.00 -28.26
CA GLY B 146 -9.64 -3.16 -29.37
C GLY B 146 -8.21 -3.15 -28.92
N HIS B 147 -7.93 -2.60 -27.74
CA HIS B 147 -6.59 -2.69 -27.18
C HIS B 147 -6.36 -4.10 -26.65
N THR B 148 -5.12 -4.58 -26.83
CA THR B 148 -4.73 -5.90 -26.38
C THR B 148 -3.93 -5.85 -25.08
N GLY B 149 -4.07 -4.77 -24.33
CA GLY B 149 -3.39 -4.62 -23.06
C GLY B 149 -4.07 -3.54 -22.25
N TYR B 150 -3.72 -3.51 -20.96
CA TYR B 150 -4.38 -2.60 -20.04
C TYR B 150 -4.24 -1.15 -20.49
N LEU B 151 -5.31 -0.39 -20.33
CA LEU B 151 -5.28 1.05 -20.58
C LEU B 151 -4.60 1.73 -19.42
N SER B 152 -3.67 2.62 -19.73
CA SER B 152 -2.89 3.32 -18.76
C SER B 152 -3.27 4.75 -18.67
N CYS B 153 -3.72 5.28 -19.77
CA CYS B 153 -4.14 6.67 -19.81
C CYS B 153 -5.21 6.83 -20.87
N CYS B 154 -6.00 7.89 -20.72
CA CYS B 154 -7.00 8.27 -21.70
C CYS B 154 -7.28 9.75 -21.51
N ARG B 155 -7.66 10.42 -22.60
CA ARG B 155 -7.87 11.86 -22.53
C ARG B 155 -8.75 12.30 -23.69
N PHE B 156 -9.82 13.03 -23.37
CA PHE B 156 -10.78 13.45 -24.38
C PHE B 156 -10.19 14.55 -25.25
N LEU B 157 -10.35 14.41 -26.56
CA LEU B 157 -10.14 15.53 -27.47
C LEU B 157 -11.42 16.34 -27.65
N ASP B 158 -12.56 15.72 -27.38
CA ASP B 158 -13.86 16.25 -27.72
C ASP B 158 -14.89 15.25 -27.20
N ASP B 159 -16.16 15.62 -27.29
CA ASP B 159 -17.21 14.72 -26.85
C ASP B 159 -17.30 13.47 -27.72
N ASN B 160 -16.66 13.46 -28.88
CA ASN B 160 -16.74 12.34 -29.81
C ASN B 160 -15.39 11.69 -30.08
N GLN B 161 -14.30 12.25 -29.59
CA GLN B 161 -12.96 11.69 -29.83
C GLN B 161 -12.21 11.58 -28.52
N ILE B 162 -11.54 10.45 -28.32
CA ILE B 162 -10.72 10.21 -27.14
C ILE B 162 -9.46 9.47 -27.56
N VAL B 163 -8.33 9.84 -26.98
CA VAL B 163 -7.05 9.21 -27.25
C VAL B 163 -6.63 8.44 -26.01
N THR B 164 -6.25 7.19 -26.20
CA THR B 164 -5.92 6.29 -25.11
C THR B 164 -4.54 5.67 -25.34
N SER B 165 -3.86 5.36 -24.24
CA SER B 165 -2.61 4.63 -24.27
C SER B 165 -2.76 3.32 -23.53
N SER B 166 -2.08 2.29 -24.02
CA SER B 166 -2.29 0.94 -23.52
C SER B 166 -0.96 0.28 -23.21
N GLY B 167 -1.03 -0.79 -22.42
CA GLY B 167 0.12 -1.62 -22.15
C GLY B 167 0.51 -2.52 -23.31
N ASP B 168 -0.28 -2.55 -24.37
CA ASP B 168 0.10 -3.27 -25.59
C ASP B 168 1.09 -2.49 -26.46
N THR B 169 1.66 -1.39 -25.96
CA THR B 169 2.69 -0.56 -26.58
C THR B 169 2.13 0.42 -27.59
N THR B 170 0.82 0.50 -27.81
CA THR B 170 0.26 1.38 -28.80
C THR B 170 -0.70 2.37 -28.15
N CYS B 171 -0.90 3.51 -28.83
CA CYS B 171 -1.96 4.44 -28.50
C CYS B 171 -3.02 4.38 -29.59
N ALA B 172 -4.19 4.92 -29.30
CA ALA B 172 -5.30 4.86 -30.24
C ALA B 172 -6.18 6.08 -30.09
N LEU B 173 -6.55 6.65 -31.22
CA LEU B 173 -7.56 7.71 -31.30
C LEU B 173 -8.86 7.08 -31.77
N TRP B 174 -9.91 7.26 -30.98
CA TRP B 174 -11.19 6.59 -31.20
C TRP B 174 -12.24 7.58 -31.66
N ASP B 175 -13.23 7.08 -32.38
CA ASP B 175 -14.47 7.80 -32.63
C ASP B 175 -15.54 7.22 -31.71
N ILE B 176 -15.94 7.99 -30.70
CA ILE B 176 -16.81 7.43 -29.67
C ILE B 176 -18.16 7.04 -30.25
N GLU B 177 -18.67 7.79 -31.21
CA GLU B 177 -19.98 7.49 -31.78
C GLU B 177 -19.99 6.10 -32.42
N THR B 178 -19.00 5.81 -33.25
CA THR B 178 -18.90 4.49 -33.86
C THR B 178 -18.13 3.51 -33.00
N GLY B 179 -17.36 3.99 -32.02
CA GLY B 179 -16.62 3.10 -31.14
C GLY B 179 -15.53 2.31 -31.82
N GLN B 180 -14.83 2.90 -32.77
CA GLN B 180 -13.75 2.22 -33.48
C GLN B 180 -12.54 3.13 -33.57
N GLN B 181 -11.36 2.53 -33.55
CA GLN B 181 -10.11 3.27 -33.56
C GLN B 181 -9.98 4.04 -34.87
N THR B 182 -10.17 5.35 -34.80
CA THR B 182 -9.92 6.18 -35.98
C THR B 182 -8.47 6.10 -36.40
N THR B 183 -7.55 6.05 -35.43
CA THR B 183 -6.13 6.01 -35.73
C THR B 183 -5.41 5.17 -34.69
N THR B 184 -4.29 4.55 -35.10
CA THR B 184 -3.47 3.76 -34.22
C THR B 184 -2.04 4.29 -34.28
N PHE B 185 -1.47 4.58 -33.12
CA PHE B 185 -0.13 5.15 -32.99
C PHE B 185 0.79 4.06 -32.47
N THR B 186 1.77 3.68 -33.29
CA THR B 186 2.67 2.58 -32.98
C THR B 186 4.11 3.06 -33.10
N GLY B 187 5.00 2.41 -32.37
CA GLY B 187 6.41 2.78 -32.39
C GLY B 187 7.07 2.63 -31.04
N HIS B 188 6.28 2.63 -29.97
CA HIS B 188 6.82 2.32 -28.67
C HIS B 188 7.10 0.83 -28.56
N THR B 189 8.08 0.49 -27.72
CA THR B 189 8.44 -0.91 -27.47
C THR B 189 7.96 -1.42 -26.11
N GLY B 190 7.85 -0.54 -25.10
CA GLY B 190 7.31 -0.93 -23.83
C GLY B 190 5.88 -0.45 -23.65
N ASP B 191 5.34 -0.72 -22.45
CA ASP B 191 4.00 -0.26 -22.12
C ASP B 191 3.95 1.26 -22.16
N VAL B 192 2.93 1.81 -22.81
CA VAL B 192 2.72 3.25 -22.76
C VAL B 192 2.04 3.60 -21.45
N MET B 193 2.71 4.41 -20.63
CA MET B 193 2.26 4.67 -19.27
C MET B 193 1.39 5.92 -19.15
N SER B 194 1.76 7.00 -19.83
CA SER B 194 0.97 8.22 -19.75
C SER B 194 1.10 8.97 -21.07
N LEU B 195 0.06 9.72 -21.39
CA LEU B 195 0.08 10.64 -22.52
C LEU B 195 -0.48 11.98 -22.07
N SER B 196 0.09 13.05 -22.62
CA SER B 196 -0.37 14.40 -22.37
C SER B 196 -0.80 15.01 -23.68
N LEU B 197 -2.02 15.53 -23.71
CA LEU B 197 -2.59 16.13 -24.90
C LEU B 197 -2.16 17.58 -25.01
N ALA B 198 -1.82 18.01 -26.22
CA ALA B 198 -1.31 19.36 -26.41
C ALA B 198 -2.42 20.39 -26.18
N PRO B 199 -2.04 21.61 -25.80
CA PRO B 199 -3.07 22.65 -25.61
C PRO B 199 -3.95 22.87 -26.84
N ASP B 200 -3.38 22.82 -28.04
CA ASP B 200 -4.16 22.96 -29.26
C ASP B 200 -4.81 21.65 -29.70
N THR B 201 -4.51 20.54 -29.03
CA THR B 201 -5.14 19.25 -29.27
C THR B 201 -4.74 18.66 -30.62
N ARG B 202 -3.78 19.28 -31.31
CA ARG B 202 -3.29 18.71 -32.56
C ARG B 202 -2.09 17.79 -32.38
N LEU B 203 -1.53 17.72 -31.19
CA LEU B 203 -0.41 16.84 -30.89
C LEU B 203 -0.61 16.24 -29.51
N PHE B 204 0.09 15.14 -29.25
CA PHE B 204 0.18 14.62 -27.88
C PHE B 204 1.47 13.86 -27.70
N VAL B 205 2.00 13.89 -26.48
CA VAL B 205 3.23 13.19 -26.14
C VAL B 205 2.88 11.98 -25.29
N SER B 206 3.74 10.97 -25.33
CA SER B 206 3.52 9.73 -24.59
C SER B 206 4.85 9.18 -24.08
N GLY B 207 4.83 8.66 -22.85
CA GLY B 207 6.00 8.01 -22.27
C GLY B 207 5.70 6.56 -22.00
N ALA B 208 6.60 5.67 -22.43
CA ALA B 208 6.21 4.29 -22.65
C ALA B 208 7.23 3.27 -22.16
N CYS B 209 7.68 3.37 -20.91
CA CYS B 209 8.38 2.27 -20.25
C CYS B 209 9.58 1.76 -21.06
N ASP B 210 10.03 2.51 -22.05
CA ASP B 210 11.26 2.18 -22.77
C ASP B 210 12.28 3.31 -22.62
N ALA B 211 12.11 4.15 -21.60
CA ALA B 211 12.96 5.29 -21.34
C ALA B 211 12.87 6.34 -22.45
N SER B 212 11.82 6.29 -23.25
CA SER B 212 11.67 7.19 -24.39
C SER B 212 10.26 7.77 -24.41
N ALA B 213 10.17 9.03 -24.80
CA ALA B 213 8.90 9.70 -25.03
C ALA B 213 8.76 9.97 -26.52
N LYS B 214 7.53 10.08 -26.99
CA LYS B 214 7.27 10.29 -28.40
C LYS B 214 6.17 11.32 -28.60
N LEU B 215 6.33 12.13 -29.64
CA LEU B 215 5.36 13.15 -30.01
C LEU B 215 4.57 12.66 -31.22
N TRP B 216 3.25 12.75 -31.14
CA TRP B 216 2.36 12.21 -32.16
C TRP B 216 1.45 13.30 -32.69
N ASP B 217 1.29 13.32 -34.01
CA ASP B 217 0.31 14.14 -34.69
C ASP B 217 -0.99 13.35 -34.78
N VAL B 218 -2.06 13.91 -34.21
CA VAL B 218 -3.31 13.17 -34.13
C VAL B 218 -3.86 12.87 -35.52
N ARG B 219 -3.81 13.84 -36.43
CA ARG B 219 -4.43 13.68 -37.74
C ARG B 219 -3.62 12.75 -38.65
N GLU B 220 -2.31 12.96 -38.71
CA GLU B 220 -1.46 12.12 -39.56
C GLU B 220 -1.21 10.75 -38.95
N GLY B 221 -1.25 10.64 -37.62
CA GLY B 221 -1.02 9.36 -36.98
C GLY B 221 0.40 8.84 -37.13
N MET B 222 1.40 9.70 -36.97
CA MET B 222 2.79 9.30 -37.09
C MET B 222 3.61 9.99 -36.00
N CYS B 223 4.75 9.38 -35.67
CA CYS B 223 5.61 9.87 -34.60
C CYS B 223 6.53 10.95 -35.15
N ARG B 224 6.31 12.20 -34.74
CA ARG B 224 7.13 13.30 -35.23
C ARG B 224 8.52 13.31 -34.61
N GLN B 225 8.61 13.06 -33.30
CA GLN B 225 9.88 13.12 -32.60
C GLN B 225 9.92 12.06 -31.51
N THR B 226 11.13 11.59 -31.20
CA THR B 226 11.38 10.68 -30.11
C THR B 226 12.47 11.27 -29.22
N PHE B 227 12.18 11.36 -27.92
CA PHE B 227 13.06 11.98 -26.95
C PHE B 227 13.56 10.91 -25.99
N THR B 228 14.87 10.88 -25.76
CA THR B 228 15.47 9.95 -24.82
C THR B 228 16.30 10.72 -23.82
N GLY B 229 16.78 10.02 -22.81
CA GLY B 229 17.53 10.65 -21.74
C GLY B 229 17.22 10.03 -20.39
N HIS B 230 16.02 9.49 -20.24
CA HIS B 230 15.70 8.79 -19.01
C HIS B 230 16.42 7.44 -18.97
N GLU B 231 16.63 6.94 -17.75
CA GLU B 231 17.31 5.67 -17.55
C GLU B 231 16.36 4.51 -17.31
N SER B 232 15.08 4.78 -17.05
CA SER B 232 14.14 3.71 -16.74
C SER B 232 12.77 4.12 -17.28
N ASP B 233 11.73 3.44 -16.79
CA ASP B 233 10.39 3.63 -17.31
C ASP B 233 9.90 5.05 -17.05
N ILE B 234 9.14 5.58 -18.00
CA ILE B 234 8.49 6.87 -17.83
C ILE B 234 7.07 6.64 -17.35
N ASN B 235 6.76 7.10 -16.15
CA ASN B 235 5.45 6.87 -15.55
C ASN B 235 4.47 8.00 -15.79
N ALA B 236 4.97 9.20 -16.04
CA ALA B 236 4.14 10.39 -16.16
C ALA B 236 4.71 11.33 -17.20
N ILE B 237 3.85 12.05 -17.88
CA ILE B 237 4.25 13.05 -18.88
C ILE B 237 3.24 14.19 -18.85
N CYS B 238 3.73 15.41 -18.98
CA CYS B 238 2.89 16.60 -18.91
C CYS B 238 3.42 17.64 -19.87
N PHE B 239 2.51 18.35 -20.53
CA PHE B 239 2.90 19.39 -21.46
C PHE B 239 3.17 20.71 -20.72
N PHE B 240 4.20 21.42 -21.15
CA PHE B 240 4.41 22.77 -20.68
C PHE B 240 3.29 23.66 -21.20
N PRO B 241 2.85 24.66 -20.42
CA PRO B 241 1.60 25.35 -20.78
C PRO B 241 1.57 25.93 -22.19
N ASN B 242 2.69 26.40 -22.73
CA ASN B 242 2.68 26.93 -24.09
C ASN B 242 2.65 25.83 -25.14
N GLY B 243 2.83 24.57 -24.76
CA GLY B 243 2.77 23.47 -25.71
C GLY B 243 4.03 23.28 -26.51
N ASN B 244 5.12 23.95 -26.15
CA ASN B 244 6.40 23.79 -26.83
C ASN B 244 7.40 22.99 -26.01
N ALA B 245 6.99 22.45 -24.87
CA ALA B 245 7.86 21.63 -24.04
C ALA B 245 6.99 20.71 -23.20
N PHE B 246 7.62 19.70 -22.61
CA PHE B 246 6.91 18.78 -21.74
C PHE B 246 7.88 18.20 -20.71
N ALA B 247 7.32 17.73 -19.61
CA ALA B 247 8.09 17.14 -18.53
C ALA B 247 7.71 15.68 -18.36
N THR B 248 8.72 14.85 -18.12
CA THR B 248 8.54 13.42 -17.91
C THR B 248 9.16 13.00 -16.58
N GLY B 249 8.41 12.21 -15.83
CA GLY B 249 8.93 11.61 -14.62
C GLY B 249 9.05 10.12 -14.78
N SER B 250 10.07 9.54 -14.16
CA SER B 250 10.44 8.16 -14.44
C SER B 250 10.84 7.44 -13.15
N ASP B 251 11.14 6.14 -13.30
CA ASP B 251 11.52 5.32 -12.17
C ASP B 251 12.97 5.54 -11.77
N ASP B 252 13.77 6.20 -12.59
CA ASP B 252 15.13 6.52 -12.19
C ASP B 252 15.20 7.68 -11.21
N ALA B 253 14.05 8.14 -10.72
CA ALA B 253 13.95 9.12 -9.65
C ALA B 253 14.31 10.52 -10.10
N THR B 254 14.19 10.81 -11.39
CA THR B 254 14.44 12.14 -11.91
C THR B 254 13.32 12.55 -12.84
N CYS B 255 13.03 13.85 -12.86
CA CYS B 255 12.17 14.44 -13.88
C CYS B 255 13.05 15.11 -14.92
N ARG B 256 12.51 15.24 -16.12
CA ARG B 256 13.27 15.83 -17.22
C ARG B 256 12.35 16.71 -18.05
N LEU B 257 12.92 17.77 -18.59
CA LEU B 257 12.21 18.73 -19.42
C LEU B 257 12.73 18.63 -20.84
N PHE B 258 11.82 18.50 -21.80
CA PHE B 258 12.15 18.35 -23.20
C PHE B 258 11.47 19.47 -23.97
N ASP B 259 12.18 20.04 -24.95
CA ASP B 259 11.62 21.06 -25.82
C ASP B 259 11.42 20.47 -27.21
N LEU B 260 10.21 20.63 -27.75
CA LEU B 260 9.89 20.03 -29.03
C LEU B 260 10.76 20.58 -30.15
N ARG B 261 10.92 21.89 -30.21
CA ARG B 261 11.64 22.52 -31.30
C ARG B 261 13.15 22.34 -31.21
N ALA B 262 13.73 22.42 -30.01
CA ALA B 262 15.14 22.09 -29.84
C ALA B 262 15.40 20.59 -29.87
N ASP B 263 14.38 19.78 -29.64
CA ASP B 263 14.47 18.32 -29.80
C ASP B 263 15.59 17.74 -28.93
N GLN B 264 15.52 18.00 -27.62
CA GLN B 264 16.44 17.38 -26.68
C GLN B 264 15.97 17.73 -25.26
N GLU B 265 16.76 17.30 -24.28
CA GLU B 265 16.42 17.49 -22.87
C GLU B 265 17.07 18.77 -22.37
N LEU B 266 16.27 19.64 -21.77
CA LEU B 266 16.76 20.93 -21.29
C LEU B 266 17.21 20.89 -19.84
N MET B 267 16.40 20.29 -18.96
CA MET B 267 16.67 20.36 -17.53
C MET B 267 16.37 19.02 -16.90
N THR B 268 17.09 18.71 -15.83
CA THR B 268 16.89 17.50 -15.05
C THR B 268 16.65 17.87 -13.60
N TYR B 269 15.53 17.44 -13.05
CA TYR B 269 15.13 17.74 -11.68
C TYR B 269 15.31 16.47 -10.86
N SER B 270 16.37 16.44 -10.05
CA SER B 270 16.67 15.28 -9.23
C SER B 270 17.55 15.72 -8.08
N HIS B 271 17.55 14.91 -7.02
CA HIS B 271 18.39 15.16 -5.86
C HIS B 271 18.89 13.82 -5.34
N ASP B 272 20.11 13.83 -4.78
CA ASP B 272 20.71 12.61 -4.28
C ASP B 272 19.94 11.99 -3.14
N ASN B 273 19.10 12.77 -2.45
CA ASN B 273 18.26 12.23 -1.38
C ASN B 273 16.98 11.59 -1.89
N ILE B 274 16.72 11.66 -3.20
CA ILE B 274 15.53 11.05 -3.80
C ILE B 274 15.98 9.82 -4.56
N ILE B 275 15.55 8.65 -4.10
CA ILE B 275 15.93 7.39 -4.73
C ILE B 275 14.69 6.58 -5.07
N CYS B 276 13.58 7.28 -5.30
CA CYS B 276 12.31 6.64 -5.60
C CYS B 276 11.75 7.24 -6.88
N GLY B 277 10.88 6.48 -7.54
CA GLY B 277 10.40 6.89 -8.84
C GLY B 277 9.34 7.97 -8.76
N ILE B 278 9.13 8.64 -9.89
CA ILE B 278 8.11 9.68 -10.00
C ILE B 278 6.87 9.04 -10.57
N THR B 279 5.72 9.26 -9.94
CA THR B 279 4.47 8.67 -10.37
C THR B 279 3.61 9.61 -11.19
N SER B 280 3.73 10.92 -10.96
CA SER B 280 2.91 11.90 -11.67
C SER B 280 3.65 13.22 -11.69
N VAL B 281 3.43 14.00 -12.75
CA VAL B 281 4.01 15.32 -12.89
C VAL B 281 2.93 16.28 -13.37
N SER B 282 3.11 17.56 -13.07
CA SER B 282 2.21 18.58 -13.56
C SER B 282 2.90 19.94 -13.47
N PHE B 283 2.51 20.84 -14.37
CA PHE B 283 3.03 22.19 -14.39
C PHE B 283 1.99 23.15 -13.82
N SER B 284 2.47 24.23 -13.21
CA SER B 284 1.57 25.26 -12.71
C SER B 284 1.05 26.09 -13.87
N LYS B 285 0.14 27.02 -13.54
CA LYS B 285 -0.52 27.82 -14.56
C LYS B 285 0.47 28.48 -15.50
N SER B 286 1.50 29.13 -14.95
CA SER B 286 2.49 29.80 -15.78
C SER B 286 3.64 28.90 -16.20
N GLY B 287 3.73 27.69 -15.65
CA GLY B 287 4.82 26.80 -15.96
C GLY B 287 6.08 27.05 -15.18
N ARG B 288 6.06 27.94 -14.19
CA ARG B 288 7.27 28.17 -13.39
C ARG B 288 7.49 27.06 -12.37
N LEU B 289 6.43 26.46 -11.87
CA LEU B 289 6.52 25.38 -10.90
C LEU B 289 6.14 24.07 -11.57
N LEU B 290 6.97 23.04 -11.34
CA LEU B 290 6.69 21.68 -11.80
C LEU B 290 6.44 20.82 -10.56
N LEU B 291 5.24 20.25 -10.47
CA LEU B 291 4.87 19.46 -9.30
C LEU B 291 4.96 17.98 -9.67
N ALA B 292 5.67 17.21 -8.85
CA ALA B 292 5.92 15.80 -9.12
C ALA B 292 5.58 14.97 -7.90
N GLY B 293 4.70 13.99 -8.08
CA GLY B 293 4.43 13.02 -7.03
C GLY B 293 5.43 11.89 -7.08
N TYR B 294 5.75 11.33 -5.92
CA TYR B 294 6.83 10.36 -5.80
C TYR B 294 6.36 9.10 -5.12
N ASP B 295 7.14 8.03 -5.31
CA ASP B 295 6.84 6.76 -4.66
C ASP B 295 6.91 6.87 -3.15
N ASP B 296 7.91 7.60 -2.64
CA ASP B 296 7.82 8.04 -1.25
C ASP B 296 6.65 9.01 -1.14
N PHE B 297 6.04 9.03 0.03
CA PHE B 297 4.64 9.41 0.13
C PHE B 297 4.38 10.90 -0.04
N ASN B 298 5.33 11.70 -0.49
CA ASN B 298 5.12 13.14 -0.56
C ASN B 298 5.56 13.67 -1.92
N CYS B 299 4.94 14.76 -2.34
CA CYS B 299 5.23 15.39 -3.62
C CYS B 299 6.26 16.49 -3.46
N ASN B 300 6.95 16.81 -4.54
CA ASN B 300 7.95 17.86 -4.57
C ASN B 300 7.58 18.90 -5.61
N VAL B 301 7.79 20.16 -5.27
CA VAL B 301 7.54 21.29 -6.16
C VAL B 301 8.89 21.85 -6.57
N TRP B 302 9.17 21.85 -7.87
CA TRP B 302 10.45 22.23 -8.43
C TRP B 302 10.31 23.57 -9.14
N ASP B 303 11.33 24.40 -9.02
CA ASP B 303 11.45 25.57 -9.88
C ASP B 303 11.79 25.09 -11.29
N ALA B 304 10.80 25.06 -12.17
CA ALA B 304 10.98 24.48 -13.49
C ALA B 304 12.09 25.16 -14.28
N LEU B 305 12.43 26.39 -13.95
CA LEU B 305 13.48 27.10 -14.66
C LEU B 305 14.87 26.87 -14.06
N LYS B 306 15.01 27.03 -12.75
CA LYS B 306 16.29 26.86 -12.09
C LYS B 306 16.54 25.46 -11.55
N ALA B 307 15.56 24.56 -11.65
CA ALA B 307 15.74 23.16 -11.28
C ALA B 307 16.00 22.98 -9.79
N ASP B 308 15.55 23.94 -8.98
CA ASP B 308 15.65 23.81 -7.53
C ASP B 308 14.33 23.30 -6.97
N ARG B 309 14.41 22.52 -5.88
CA ARG B 309 13.22 22.03 -5.21
C ARG B 309 12.66 23.16 -4.35
N ALA B 310 11.65 23.85 -4.87
CA ALA B 310 11.08 25.00 -4.18
C ALA B 310 10.22 24.62 -2.99
N GLY B 311 9.55 23.48 -3.01
CA GLY B 311 8.65 23.15 -1.91
C GLY B 311 8.39 21.67 -1.83
N VAL B 312 7.65 21.29 -0.78
CA VAL B 312 7.27 19.91 -0.54
C VAL B 312 5.81 19.88 -0.11
N LEU B 313 5.07 18.90 -0.63
CA LEU B 313 3.70 18.64 -0.18
C LEU B 313 3.70 17.29 0.51
N ALA B 314 3.72 17.32 1.84
CA ALA B 314 3.66 16.12 2.66
C ALA B 314 2.30 16.05 3.33
N GLY B 315 1.82 14.83 3.58
CA GLY B 315 0.48 14.67 4.11
C GLY B 315 -0.22 13.41 3.66
N HIS B 316 0.41 12.65 2.77
CA HIS B 316 -0.13 11.37 2.33
C HIS B 316 0.63 10.25 3.04
N ASP B 317 -0.10 9.24 3.49
CA ASP B 317 0.49 8.12 4.21
C ASP B 317 0.98 7.02 3.30
N ASN B 318 0.74 7.11 2.00
CA ASN B 318 1.13 6.07 1.06
C ASN B 318 1.59 6.73 -0.23
N ARG B 319 1.77 5.91 -1.26
CA ARG B 319 2.25 6.36 -2.55
C ARG B 319 1.35 7.44 -3.13
N VAL B 320 1.97 8.52 -3.63
CA VAL B 320 1.21 9.53 -4.34
C VAL B 320 1.05 9.08 -5.79
N SER B 321 -0.17 8.71 -6.16
CA SER B 321 -0.40 8.09 -7.45
C SER B 321 -0.81 9.08 -8.54
N CYS B 322 -1.42 10.21 -8.19
CA CYS B 322 -1.92 11.11 -9.21
C CYS B 322 -1.80 12.56 -8.76
N LEU B 323 -1.66 13.44 -9.74
CA LEU B 323 -1.46 14.86 -9.53
C LEU B 323 -2.32 15.62 -10.53
N GLY B 324 -2.73 16.83 -10.17
CA GLY B 324 -3.49 17.63 -11.10
C GLY B 324 -3.60 19.09 -10.72
N VAL B 325 -3.37 19.99 -11.66
CA VAL B 325 -3.49 21.42 -11.44
C VAL B 325 -4.71 21.93 -12.20
N THR B 326 -5.48 22.80 -11.56
CA THR B 326 -6.68 23.34 -12.19
C THR B 326 -6.30 24.22 -13.39
N ASP B 327 -7.27 24.40 -14.29
CA ASP B 327 -7.02 25.22 -15.47
C ASP B 327 -6.75 26.68 -15.10
N ASP B 328 -7.32 27.16 -13.99
CA ASP B 328 -6.99 28.49 -13.51
C ASP B 328 -5.79 28.51 -12.57
N GLY B 329 -5.24 27.34 -12.22
CA GLY B 329 -4.06 27.28 -11.41
C GLY B 329 -4.27 27.58 -9.94
N MET B 330 -5.50 27.60 -9.47
CA MET B 330 -5.78 28.03 -8.11
C MET B 330 -5.43 26.98 -7.07
N ALA B 331 -5.45 25.70 -7.42
CA ALA B 331 -5.16 24.64 -6.47
C ALA B 331 -4.59 23.44 -7.21
N VAL B 332 -3.93 22.57 -6.46
CA VAL B 332 -3.42 21.30 -6.99
C VAL B 332 -3.97 20.16 -6.16
N ALA B 333 -4.55 19.18 -6.81
CA ALA B 333 -5.04 17.98 -6.15
C ALA B 333 -4.02 16.87 -6.27
N THR B 334 -3.79 16.16 -5.16
CA THR B 334 -2.91 15.00 -5.13
C THR B 334 -3.70 13.82 -4.59
N GLY B 335 -3.71 12.73 -5.34
CA GLY B 335 -4.34 11.50 -4.90
C GLY B 335 -3.31 10.43 -4.64
N SER B 336 -3.55 9.65 -3.59
CA SER B 336 -2.57 8.72 -3.09
C SER B 336 -3.16 7.33 -2.93
N TRP B 337 -2.30 6.36 -2.68
CA TRP B 337 -2.73 4.99 -2.45
C TRP B 337 -3.35 4.80 -1.09
N ASP B 338 -3.33 5.81 -0.22
CA ASP B 338 -4.08 5.75 1.03
C ASP B 338 -5.55 6.06 0.85
N SER B 339 -6.00 6.35 -0.38
CA SER B 339 -7.38 6.54 -0.76
C SER B 339 -7.94 7.92 -0.42
N PHE B 340 -7.08 8.92 -0.22
CA PHE B 340 -7.53 10.29 0.01
C PHE B 340 -6.97 11.20 -1.08
N LEU B 341 -7.83 12.08 -1.59
CA LEU B 341 -7.39 13.20 -2.41
C LEU B 341 -7.29 14.44 -1.55
N LYS B 342 -6.18 15.15 -1.67
CA LYS B 342 -5.96 16.38 -0.94
C LYS B 342 -5.82 17.53 -1.92
N ILE B 343 -6.59 18.59 -1.69
CA ILE B 343 -6.49 19.82 -2.46
C ILE B 343 -5.55 20.75 -1.71
N TRP B 344 -4.57 21.29 -2.42
CA TRP B 344 -3.54 22.14 -1.84
C TRP B 344 -3.58 23.50 -2.50
N ASN B 345 -3.27 24.53 -1.71
CA ASN B 345 -3.31 25.88 -2.20
C ASN B 345 -2.32 26.74 -1.43
N THR C 6 10.61 -13.80 -39.29
CA THR C 6 10.81 -13.25 -40.65
C THR C 6 10.41 -11.78 -40.72
N ALA C 7 9.44 -11.39 -39.89
CA ALA C 7 8.96 -10.01 -39.88
C ALA C 7 9.97 -9.06 -39.23
N SER C 8 10.89 -9.55 -38.42
CA SER C 8 11.85 -8.67 -37.76
C SER C 8 12.62 -7.84 -38.75
N ILE C 9 12.99 -8.42 -39.91
CA ILE C 9 13.73 -7.66 -40.91
C ILE C 9 12.93 -6.44 -41.34
N ALA C 10 11.61 -6.59 -41.47
CA ALA C 10 10.77 -5.43 -41.77
C ALA C 10 10.84 -4.41 -40.64
N GLN C 11 10.75 -4.86 -39.39
CA GLN C 11 10.74 -3.92 -38.27
C GLN C 11 11.98 -3.05 -38.29
N ALA C 12 13.17 -3.65 -38.44
CA ALA C 12 14.38 -2.86 -38.57
C ALA C 12 14.21 -1.83 -39.68
N ARG C 13 13.76 -2.27 -40.86
CA ARG C 13 13.47 -1.31 -41.93
C ARG C 13 12.54 -0.22 -41.42
N LYS C 14 11.42 -0.61 -40.80
CA LYS C 14 10.49 0.38 -40.27
C LYS C 14 11.23 1.36 -39.37
N LEU C 15 12.12 0.85 -38.52
CA LEU C 15 12.90 1.74 -37.66
C LEU C 15 13.77 2.66 -38.50
N VAL C 16 14.55 2.09 -39.43
CA VAL C 16 15.53 2.88 -40.16
C VAL C 16 14.85 4.07 -40.81
N GLU C 17 13.91 3.80 -41.72
CA GLU C 17 13.22 4.91 -42.39
C GLU C 17 12.66 5.90 -41.38
N GLN C 18 12.08 5.41 -40.29
CA GLN C 18 11.50 6.33 -39.31
C GLN C 18 12.54 7.31 -38.79
N LEU C 19 13.73 6.81 -38.43
CA LEU C 19 14.77 7.69 -37.93
C LEU C 19 15.04 8.82 -38.92
N LYS C 20 14.96 8.53 -40.23
CA LYS C 20 15.20 9.56 -41.22
C LYS C 20 14.22 10.71 -41.07
N MET C 21 12.92 10.41 -40.92
CA MET C 21 11.98 11.52 -40.76
C MET C 21 12.21 12.29 -39.47
N GLU C 22 13.00 11.75 -38.54
CA GLU C 22 13.37 12.50 -37.35
C GLU C 22 14.65 13.30 -37.53
N ALA C 23 15.53 12.87 -38.45
CA ALA C 23 16.78 13.58 -38.66
C ALA C 23 16.57 14.82 -39.52
N ASN C 24 15.51 14.85 -40.32
CA ASN C 24 15.28 15.92 -41.29
C ASN C 24 14.44 17.06 -40.75
N ILE C 25 14.11 17.07 -39.45
CA ILE C 25 13.31 18.16 -38.91
C ILE C 25 14.18 19.40 -38.74
N ASP C 26 13.51 20.55 -38.58
CA ASP C 26 14.19 21.85 -38.48
C ASP C 26 14.32 22.23 -37.01
N ARG C 27 15.47 21.89 -36.44
CA ARG C 27 15.73 22.19 -35.04
C ARG C 27 16.20 23.63 -34.88
N ILE C 28 16.15 24.12 -33.63
CA ILE C 28 16.58 25.48 -33.31
C ILE C 28 17.54 25.41 -32.12
N LYS C 29 18.29 26.49 -31.95
CA LYS C 29 19.27 26.54 -30.86
C LYS C 29 18.57 26.46 -29.52
N VAL C 30 19.21 25.74 -28.58
CA VAL C 30 18.60 25.54 -27.27
C VAL C 30 18.44 26.86 -26.54
N SER C 31 19.30 27.83 -26.84
CA SER C 31 19.18 29.15 -26.20
C SER C 31 17.84 29.79 -26.54
N LYS C 32 17.41 29.66 -27.79
CA LYS C 32 16.11 30.21 -28.17
C LYS C 32 14.98 29.58 -27.36
N ALA C 33 15.01 28.26 -27.20
CA ALA C 33 13.97 27.57 -26.45
C ALA C 33 13.98 27.98 -24.98
N ALA C 34 15.17 28.06 -24.39
CA ALA C 34 15.27 28.46 -22.99
C ALA C 34 14.74 29.88 -22.80
N ALA C 35 15.11 30.79 -23.71
CA ALA C 35 14.60 32.15 -23.64
C ALA C 35 13.09 32.20 -23.80
N ASP C 36 12.54 31.37 -24.70
CA ASP C 36 11.09 31.34 -24.87
C ASP C 36 10.38 30.89 -23.60
N LEU C 37 10.89 29.83 -22.96
CA LEU C 37 10.28 29.37 -21.72
C LEU C 37 10.39 30.44 -20.63
N MET C 38 11.54 31.10 -20.53
CA MET C 38 11.69 32.19 -19.56
C MET C 38 10.69 33.30 -19.84
N ALA C 39 10.52 33.66 -21.11
CA ALA C 39 9.61 34.73 -21.47
C ALA C 39 8.18 34.36 -21.10
N TYR C 40 7.78 33.12 -21.37
CA TYR C 40 6.43 32.70 -21.00
C TYR C 40 6.21 32.79 -19.50
N CYS C 41 7.15 32.25 -18.72
CA CYS C 41 7.00 32.28 -17.28
C CYS C 41 6.96 33.71 -16.76
N GLU C 42 7.84 34.57 -17.28
CA GLU C 42 7.86 35.97 -16.84
C GLU C 42 6.54 36.65 -17.17
N ALA C 43 6.01 36.40 -18.37
CA ALA C 43 4.76 37.05 -18.78
C ALA C 43 3.60 36.60 -17.91
N HIS C 44 3.53 35.31 -17.56
CA HIS C 44 2.36 34.76 -16.90
C HIS C 44 2.55 34.58 -15.40
N ALA C 45 3.65 35.06 -14.83
CA ALA C 45 3.90 34.86 -13.40
C ALA C 45 2.75 35.35 -12.55
N LYS C 46 2.32 36.60 -12.75
CA LYS C 46 1.31 37.19 -11.87
C LYS C 46 -0.05 36.53 -12.03
N GLU C 47 -0.26 35.75 -13.07
CA GLU C 47 -1.54 35.08 -13.26
C GLU C 47 -1.57 33.68 -12.66
N ASP C 48 -0.50 33.26 -11.98
CA ASP C 48 -0.41 31.90 -11.46
C ASP C 48 -0.67 31.93 -9.96
N PRO C 49 -1.84 31.48 -9.49
CA PRO C 49 -2.13 31.55 -8.05
C PRO C 49 -1.15 30.77 -7.18
N LEU C 50 -0.67 29.61 -7.63
CA LEU C 50 0.27 28.85 -6.81
C LEU C 50 1.61 29.56 -6.70
N LEU C 51 2.12 30.09 -7.81
CA LEU C 51 3.34 30.86 -7.75
C LEU C 51 3.16 32.14 -6.93
N THR C 52 2.02 32.82 -7.11
CA THR C 52 1.71 34.07 -6.43
C THR C 52 0.45 33.85 -5.61
N PRO C 53 0.59 33.45 -4.34
CA PRO C 53 -0.61 33.16 -3.53
C PRO C 53 -1.60 34.32 -3.52
N VAL C 54 -2.88 33.99 -3.70
CA VAL C 54 -3.92 34.99 -3.88
C VAL C 54 -4.44 35.41 -2.51
N PRO C 55 -5.01 36.60 -2.36
CA PRO C 55 -5.64 36.97 -1.09
C PRO C 55 -6.76 36.01 -0.72
N ALA C 56 -6.91 35.76 0.58
CA ALA C 56 -7.86 34.77 1.05
C ALA C 56 -9.29 35.04 0.59
N SER C 57 -9.64 36.30 0.33
CA SER C 57 -10.98 36.60 -0.15
C SER C 57 -11.26 35.98 -1.51
N GLU C 58 -10.29 36.04 -2.42
CA GLU C 58 -10.46 35.52 -3.77
C GLU C 58 -10.18 34.03 -3.87
N ASN C 59 -9.64 33.43 -2.82
CA ASN C 59 -9.37 32.00 -2.84
C ASN C 59 -10.68 31.24 -2.66
N PRO C 60 -11.10 30.41 -3.63
CA PRO C 60 -12.37 29.70 -3.49
C PRO C 60 -12.32 28.57 -2.47
N PHE C 61 -11.15 28.20 -1.98
CA PHE C 61 -11.01 27.13 -1.01
C PHE C 61 -10.84 27.65 0.42
N ARG C 62 -11.40 28.82 0.70
CA ARG C 62 -11.35 29.41 2.03
C ARG C 62 -12.69 30.05 2.39
N GLN D 3 21.27 7.54 -24.59
CA GLN D 3 20.21 6.49 -24.57
C GLN D 3 20.70 5.25 -23.83
N VAL D 4 19.76 4.49 -23.27
CA VAL D 4 20.12 3.24 -22.59
C VAL D 4 20.50 2.22 -23.64
N GLN D 5 21.75 1.76 -23.60
CA GLN D 5 22.21 0.77 -24.56
C GLN D 5 23.21 -0.16 -23.90
N LEU D 6 23.12 -1.44 -24.27
CA LEU D 6 24.01 -2.48 -23.79
C LEU D 6 24.63 -3.18 -24.99
N GLN D 7 25.95 -3.21 -25.05
CA GLN D 7 26.69 -3.75 -26.18
C GLN D 7 27.56 -4.90 -25.71
N GLU D 8 27.25 -6.11 -26.17
CA GLU D 8 27.97 -7.28 -25.74
C GLU D 8 28.98 -7.72 -26.79
N SER D 9 30.14 -8.15 -26.31
CA SER D 9 31.24 -8.59 -27.16
C SER D 9 31.83 -9.85 -26.57
N GLY D 10 32.60 -10.55 -27.40
CA GLY D 10 33.16 -11.84 -27.02
C GLY D 10 32.22 -12.96 -27.38
N GLY D 11 32.63 -14.21 -27.12
CA GLY D 11 31.79 -15.34 -27.42
C GLY D 11 31.74 -15.64 -28.90
N GLY D 12 31.70 -16.93 -29.24
CA GLY D 12 31.67 -17.34 -30.63
C GLY D 12 31.74 -18.85 -30.75
N LEU D 13 32.42 -19.34 -31.79
CA LEU D 13 32.62 -20.77 -31.93
C LEU D 13 33.71 -21.23 -30.98
N VAL D 14 33.45 -22.33 -30.26
CA VAL D 14 34.41 -22.89 -29.31
C VAL D 14 34.21 -24.39 -29.26
N GLN D 15 35.30 -25.11 -29.00
CA GLN D 15 35.22 -26.54 -28.86
C GLN D 15 34.66 -26.91 -27.48
N PRO D 16 33.98 -28.05 -27.36
CA PRO D 16 33.48 -28.46 -26.04
C PRO D 16 34.61 -28.56 -25.03
N GLY D 17 34.32 -28.14 -23.80
CA GLY D 17 35.32 -28.05 -22.76
C GLY D 17 36.16 -26.80 -22.79
N GLY D 18 35.89 -25.87 -23.69
CA GLY D 18 36.65 -24.64 -23.77
C GLY D 18 36.14 -23.60 -22.81
N SER D 19 36.59 -22.36 -23.02
CA SER D 19 36.24 -21.24 -22.16
C SER D 19 36.01 -20.00 -23.00
N LEU D 20 35.16 -19.10 -22.50
CA LEU D 20 34.84 -17.86 -23.19
C LEU D 20 34.50 -16.78 -22.18
N ARG D 21 34.98 -15.57 -22.43
CA ARG D 21 34.68 -14.43 -21.55
C ARG D 21 33.82 -13.44 -22.33
N LEU D 22 32.56 -13.36 -21.96
CA LEU D 22 31.65 -12.38 -22.56
C LEU D 22 31.69 -11.09 -21.76
N SER D 23 31.79 -9.97 -22.48
CA SER D 23 31.79 -8.65 -21.87
C SER D 23 30.59 -7.86 -22.38
N CYS D 24 30.12 -6.93 -21.57
CA CYS D 24 28.99 -6.08 -21.94
C CYS D 24 29.26 -4.67 -21.44
N ALA D 25 29.32 -3.72 -22.36
CA ALA D 25 29.51 -2.31 -22.05
C ALA D 25 28.15 -1.63 -22.00
N ALA D 26 27.90 -0.90 -20.92
CA ALA D 26 26.62 -0.27 -20.66
C ALA D 26 26.76 1.24 -20.75
N SER D 27 25.80 1.89 -21.41
CA SER D 27 25.80 3.33 -21.56
C SER D 27 24.38 3.85 -21.39
N GLY D 28 24.27 5.11 -20.96
CA GLY D 28 22.99 5.76 -20.83
C GLY D 28 22.37 5.69 -19.45
N PHE D 29 23.02 5.04 -18.49
CA PHE D 29 22.48 4.96 -17.14
C PHE D 29 23.62 4.73 -16.16
N THR D 30 23.36 5.04 -14.89
CA THR D 30 24.32 4.84 -13.81
C THR D 30 24.43 3.34 -13.58
N PHE D 31 25.54 2.76 -14.05
CA PHE D 31 25.68 1.32 -14.07
C PHE D 31 25.67 0.73 -12.66
N SER D 32 26.13 1.49 -11.67
CA SER D 32 26.30 0.94 -10.32
C SER D 32 24.99 0.87 -9.55
N ASN D 33 23.92 1.49 -10.03
CA ASN D 33 22.67 1.52 -9.28
C ASN D 33 21.74 0.35 -9.61
N TYR D 34 22.11 -0.51 -10.55
CA TYR D 34 21.21 -1.53 -11.07
C TYR D 34 21.80 -2.92 -10.90
N LYS D 35 20.93 -3.88 -10.57
CA LYS D 35 21.31 -5.27 -10.65
C LYS D 35 21.41 -5.70 -12.11
N MET D 36 22.40 -6.52 -12.42
CA MET D 36 22.66 -6.95 -13.79
C MET D 36 22.43 -8.45 -13.91
N ASN D 37 22.03 -8.88 -15.10
CA ASN D 37 21.68 -10.27 -15.35
C ASN D 37 22.26 -10.72 -16.67
N TRP D 38 22.58 -12.00 -16.74
CA TRP D 38 22.90 -12.69 -17.98
C TRP D 38 21.77 -13.66 -18.31
N VAL D 39 21.26 -13.54 -19.53
CA VAL D 39 20.14 -14.31 -20.04
C VAL D 39 20.62 -14.96 -21.32
N ARG D 40 19.95 -16.04 -21.74
CA ARG D 40 20.34 -16.69 -22.98
C ARG D 40 19.14 -17.33 -23.64
N GLN D 41 19.24 -17.46 -24.96
CA GLN D 41 18.21 -18.10 -25.78
C GLN D 41 18.88 -19.16 -26.63
N ALA D 42 18.59 -20.42 -26.35
CA ALA D 42 19.11 -21.52 -27.15
C ALA D 42 18.25 -21.70 -28.40
N PRO D 43 18.81 -22.29 -29.45
CA PRO D 43 18.02 -22.46 -30.68
C PRO D 43 16.73 -23.23 -30.42
N GLY D 44 15.64 -22.71 -30.97
CA GLY D 44 14.36 -23.39 -30.85
C GLY D 44 13.79 -23.42 -29.45
N LYS D 45 14.16 -22.47 -28.60
CA LYS D 45 13.68 -22.40 -27.23
C LYS D 45 13.43 -20.94 -26.86
N GLY D 46 12.85 -20.75 -25.68
CA GLY D 46 12.62 -19.41 -25.18
C GLY D 46 13.81 -18.86 -24.42
N LEU D 47 13.67 -17.62 -23.99
CA LEU D 47 14.74 -16.97 -23.23
C LEU D 47 14.83 -17.58 -21.84
N GLU D 48 16.07 -17.70 -21.36
CA GLU D 48 16.36 -18.37 -20.10
C GLU D 48 17.33 -17.52 -19.29
N TRP D 49 17.01 -17.31 -18.03
CA TRP D 49 17.88 -16.56 -17.13
C TRP D 49 19.08 -17.42 -16.76
N VAL D 50 20.28 -16.84 -16.88
CA VAL D 50 21.52 -17.55 -16.62
C VAL D 50 22.08 -17.19 -15.24
N SER D 51 22.28 -15.90 -14.97
CA SER D 51 22.85 -15.51 -13.68
C SER D 51 22.53 -14.06 -13.41
N ASP D 52 22.79 -13.64 -12.16
CA ASP D 52 22.59 -12.25 -11.79
C ASP D 52 23.63 -11.84 -10.75
N ILE D 53 23.95 -10.55 -10.77
CA ILE D 53 24.90 -9.94 -9.86
C ILE D 53 24.32 -8.61 -9.39
N SER D 54 24.45 -8.32 -8.10
CA SER D 54 23.84 -7.14 -7.52
C SER D 54 24.65 -5.89 -7.85
N GLN D 55 24.23 -4.78 -7.27
CA GLN D 55 24.85 -3.49 -7.59
C GLN D 55 26.34 -3.48 -7.25
N SER D 56 26.69 -3.93 -6.04
CA SER D 56 28.07 -3.95 -5.60
C SER D 56 28.77 -5.29 -5.86
N GLY D 57 28.05 -6.29 -6.34
CA GLY D 57 28.62 -7.60 -6.52
C GLY D 57 28.62 -8.47 -5.28
N ALA D 58 28.13 -7.96 -4.15
CA ALA D 58 28.14 -8.74 -2.92
C ALA D 58 27.19 -9.93 -2.98
N SER D 59 26.14 -9.87 -3.79
CA SER D 59 25.18 -10.95 -3.94
C SER D 59 25.20 -11.44 -5.38
N ILE D 60 25.32 -12.75 -5.54
CA ILE D 60 25.43 -13.37 -6.85
C ILE D 60 24.50 -14.57 -6.88
N SER D 61 24.06 -14.94 -8.07
CA SER D 61 23.23 -16.13 -8.22
C SER D 61 23.40 -16.69 -9.61
N TYR D 62 23.29 -18.01 -9.72
CA TYR D 62 23.41 -18.72 -10.98
C TYR D 62 22.27 -19.70 -11.14
N THR D 63 21.92 -20.00 -12.38
CA THR D 63 21.02 -21.11 -12.66
C THR D 63 21.77 -22.42 -12.44
N GLY D 64 21.02 -23.45 -12.03
CA GLY D 64 21.66 -24.71 -11.68
C GLY D 64 22.47 -25.33 -12.79
N SER D 65 22.00 -25.23 -14.03
CA SER D 65 22.68 -25.90 -15.14
C SER D 65 24.07 -25.36 -15.39
N VAL D 66 24.40 -24.17 -14.89
CA VAL D 66 25.70 -23.56 -15.09
C VAL D 66 26.48 -23.34 -13.81
N LYS D 67 25.88 -23.59 -12.65
CA LYS D 67 26.57 -23.35 -11.39
C LYS D 67 27.84 -24.19 -11.32
N GLY D 68 28.92 -23.55 -10.87
CA GLY D 68 30.22 -24.19 -10.80
C GLY D 68 31.04 -24.09 -12.07
N ARG D 69 30.47 -23.59 -13.15
CA ARG D 69 31.17 -23.42 -14.42
C ARG D 69 31.30 -21.97 -14.83
N PHE D 70 30.22 -21.20 -14.74
CA PHE D 70 30.25 -19.79 -15.10
C PHE D 70 30.41 -18.94 -13.84
N THR D 71 31.04 -17.78 -14.01
CA THR D 71 31.16 -16.80 -12.94
C THR D 71 30.87 -15.41 -13.48
N ILE D 72 30.03 -14.68 -12.75
CA ILE D 72 29.60 -13.35 -13.15
C ILE D 72 30.41 -12.32 -12.37
N SER D 73 30.71 -11.20 -13.02
CA SER D 73 31.45 -10.13 -12.39
C SER D 73 31.01 -8.81 -13.00
N ARG D 74 31.29 -7.72 -12.29
CA ARG D 74 30.98 -6.39 -12.79
C ARG D 74 32.10 -5.44 -12.40
N ASP D 75 32.32 -4.43 -13.23
CA ASP D 75 33.27 -3.36 -12.96
C ASP D 75 32.54 -2.04 -13.17
N ASN D 76 32.18 -1.39 -12.05
CA ASN D 76 31.40 -0.17 -12.12
C ASN D 76 32.22 1.01 -12.60
N ALA D 77 33.50 1.06 -12.26
CA ALA D 77 34.36 2.13 -12.78
C ALA D 77 34.40 2.11 -14.29
N LYS D 78 34.30 0.94 -14.90
CA LYS D 78 34.30 0.80 -16.35
C LYS D 78 32.91 0.57 -16.92
N ASN D 79 31.88 0.46 -16.07
CA ASN D 79 30.51 0.23 -16.51
C ASN D 79 30.44 -1.01 -17.41
N THR D 80 31.02 -2.11 -16.93
CA THR D 80 31.09 -3.34 -17.71
C THR D 80 30.63 -4.52 -16.89
N LEU D 81 30.03 -5.49 -17.57
CA LEU D 81 29.62 -6.76 -16.98
C LEU D 81 30.31 -7.90 -17.69
N TYR D 82 30.88 -8.83 -16.92
CA TYR D 82 31.61 -9.96 -17.48
C TYR D 82 30.96 -11.26 -17.04
N LEU D 83 30.98 -12.23 -17.96
CA LEU D 83 30.62 -13.61 -17.67
C LEU D 83 31.78 -14.48 -18.16
N GLN D 84 32.50 -15.08 -17.23
CA GLN D 84 33.58 -16.01 -17.55
C GLN D 84 33.00 -17.43 -17.51
N MET D 85 33.01 -18.11 -18.66
CA MET D 85 32.35 -19.41 -18.82
C MET D 85 33.43 -20.45 -19.06
N ASN D 86 33.57 -21.36 -18.11
CA ASN D 86 34.53 -22.45 -18.19
C ASN D 86 33.83 -23.77 -18.47
N SER D 87 34.57 -24.69 -19.07
CA SER D 87 34.06 -26.03 -19.35
C SER D 87 32.78 -25.96 -20.17
N LEU D 88 32.88 -25.35 -21.34
CA LEU D 88 31.70 -25.18 -22.19
C LEU D 88 31.12 -26.53 -22.59
N LYS D 89 29.79 -26.61 -22.60
CA LYS D 89 29.05 -27.79 -22.97
C LYS D 89 28.30 -27.57 -24.27
N PRO D 90 28.02 -28.62 -25.05
CA PRO D 90 27.27 -28.42 -26.29
C PRO D 90 25.92 -27.75 -26.10
N GLU D 91 25.27 -27.97 -24.95
CA GLU D 91 23.97 -27.38 -24.70
C GLU D 91 24.04 -25.88 -24.41
N ASP D 92 25.25 -25.32 -24.23
CA ASP D 92 25.39 -23.89 -24.02
C ASP D 92 25.31 -23.08 -25.31
N THR D 93 25.22 -23.75 -26.46
CA THR D 93 25.01 -23.04 -27.72
C THR D 93 23.76 -22.17 -27.62
N ALA D 94 23.93 -20.86 -27.68
CA ALA D 94 22.80 -19.95 -27.53
C ALA D 94 23.27 -18.53 -27.77
N VAL D 95 22.30 -17.63 -27.95
CA VAL D 95 22.57 -16.21 -27.98
C VAL D 95 22.50 -15.68 -26.55
N TYR D 96 23.55 -15.02 -26.10
CA TYR D 96 23.64 -14.52 -24.74
C TYR D 96 23.38 -13.03 -24.71
N TYR D 97 22.41 -12.62 -23.90
CA TYR D 97 22.02 -11.22 -23.74
C TYR D 97 22.38 -10.76 -22.35
N CYS D 98 22.83 -9.51 -22.24
CA CYS D 98 23.00 -8.86 -20.95
C CYS D 98 21.78 -7.98 -20.69
N ALA D 99 21.08 -8.25 -19.59
CA ALA D 99 19.91 -7.48 -19.21
C ALA D 99 20.21 -6.76 -17.91
N ARG D 100 19.42 -5.75 -17.60
CA ARG D 100 19.58 -5.06 -16.33
C ARG D 100 18.21 -4.83 -15.71
N CYS D 101 18.21 -4.71 -14.39
CA CYS D 101 16.98 -4.56 -13.63
C CYS D 101 16.21 -3.36 -14.17
N PRO D 102 14.89 -3.44 -14.31
CA PRO D 102 14.14 -2.32 -14.88
C PRO D 102 14.31 -1.02 -14.10
N ALA D 103 14.47 -1.08 -12.78
CA ALA D 103 14.55 0.12 -11.96
C ALA D 103 15.73 0.02 -10.99
N PRO D 104 16.29 1.15 -10.57
CA PRO D 104 17.44 1.10 -9.66
C PRO D 104 17.03 0.83 -8.22
N PHE D 105 17.99 0.34 -7.44
CA PHE D 105 17.83 0.15 -6.00
C PHE D 105 16.77 -0.90 -5.68
N THR D 106 16.38 -1.72 -6.65
CA THR D 106 15.37 -2.74 -6.40
C THR D 106 16.01 -4.11 -6.20
N ARG D 107 15.22 -5.03 -5.64
CA ARG D 107 15.69 -6.39 -5.44
C ARG D 107 15.09 -7.36 -6.44
N ASP D 108 14.02 -6.98 -7.13
CA ASP D 108 13.32 -7.84 -8.08
C ASP D 108 13.65 -7.45 -9.52
N CYS D 109 13.55 -8.45 -10.41
CA CYS D 109 13.79 -8.25 -11.83
C CYS D 109 12.67 -8.90 -12.63
N PHE D 110 12.36 -8.29 -13.77
CA PHE D 110 11.31 -8.76 -14.67
C PHE D 110 11.83 -8.75 -16.11
N ASP D 111 13.02 -9.33 -16.32
CA ASP D 111 13.82 -9.07 -17.52
C ASP D 111 14.15 -10.30 -18.36
N VAL D 112 13.28 -11.31 -18.40
CA VAL D 112 13.46 -12.43 -19.32
C VAL D 112 12.42 -12.40 -20.44
N THR D 113 11.57 -11.38 -20.48
CA THR D 113 10.42 -11.36 -21.36
C THR D 113 10.83 -11.41 -22.82
N SER D 114 10.03 -12.12 -23.61
CA SER D 114 10.30 -12.23 -25.04
C SER D 114 9.93 -10.94 -25.76
N THR D 115 8.80 -10.35 -25.41
CA THR D 115 8.23 -9.23 -26.15
C THR D 115 9.06 -7.96 -25.92
N THR D 116 10.30 -8.02 -26.39
CA THR D 116 11.16 -6.85 -26.50
C THR D 116 11.31 -6.13 -25.16
N TYR D 117 11.91 -6.82 -24.20
CA TYR D 117 12.38 -6.14 -23.00
C TYR D 117 13.35 -5.04 -23.41
N ALA D 118 13.13 -3.84 -22.88
CA ALA D 118 13.80 -2.66 -23.43
C ALA D 118 15.26 -2.55 -23.01
N TYR D 119 15.62 -3.10 -21.86
CA TYR D 119 16.91 -2.85 -21.24
C TYR D 119 17.84 -4.06 -21.31
N ARG D 120 17.83 -4.75 -22.45
CA ARG D 120 18.81 -5.79 -22.74
C ARG D 120 19.38 -5.53 -24.12
N GLY D 121 20.55 -6.09 -24.38
CA GLY D 121 21.21 -5.88 -25.64
C GLY D 121 20.72 -6.84 -26.72
N GLN D 122 21.39 -6.77 -27.86
CA GLN D 122 21.02 -7.59 -29.01
C GLN D 122 21.60 -8.99 -28.93
N GLY D 123 22.50 -9.25 -27.99
CA GLY D 123 23.02 -10.57 -27.76
C GLY D 123 24.26 -10.87 -28.59
N THR D 124 24.98 -11.89 -28.16
CA THR D 124 26.13 -12.41 -28.89
C THR D 124 26.02 -13.93 -28.96
N GLN D 125 26.30 -14.49 -30.14
CA GLN D 125 26.17 -15.93 -30.31
C GLN D 125 27.37 -16.65 -29.70
N VAL D 126 27.10 -17.68 -28.91
CA VAL D 126 28.11 -18.57 -28.38
C VAL D 126 27.77 -19.97 -28.86
N THR D 127 28.67 -20.56 -29.65
CA THR D 127 28.44 -21.86 -30.27
C THR D 127 29.47 -22.85 -29.75
N VAL D 128 29.01 -24.02 -29.34
CA VAL D 128 29.88 -25.11 -28.92
C VAL D 128 29.63 -26.28 -29.86
N SER D 129 30.65 -26.65 -30.64
CA SER D 129 30.50 -27.70 -31.62
C SER D 129 31.85 -28.36 -31.86
N SER D 130 31.82 -29.57 -32.40
CA SER D 130 33.04 -30.31 -32.70
C SER D 130 33.79 -29.66 -33.87
N LEU E 184 -6.24 8.43 61.62
CA LEU E 184 -6.01 6.98 61.30
C LEU E 184 -4.74 6.79 60.49
N PHE E 185 -4.15 5.60 60.61
CA PHE E 185 -2.93 5.23 59.91
C PHE E 185 -1.74 6.05 60.39
N PRO E 186 -0.51 5.58 60.17
CA PRO E 186 0.66 6.45 60.42
C PRO E 186 0.78 7.49 59.31
N ALA E 187 1.26 8.67 59.68
CA ALA E 187 1.43 9.74 58.69
C ALA E 187 2.38 9.34 57.56
N PRO E 188 3.53 8.74 57.81
CA PRO E 188 4.39 8.30 56.69
C PRO E 188 3.67 7.39 55.71
N LEU E 189 2.82 6.49 56.18
CA LEU E 189 2.13 5.58 55.28
C LEU E 189 1.29 6.34 54.27
N LEU E 190 0.48 7.29 54.74
CA LEU E 190 -0.36 8.06 53.84
C LEU E 190 0.43 9.08 53.04
N ALA E 191 1.58 9.53 53.55
CA ALA E 191 2.47 10.35 52.73
C ALA E 191 2.97 9.56 51.54
N GLY E 192 3.41 8.32 51.76
CA GLY E 192 3.79 7.47 50.65
C GLY E 192 2.64 7.18 49.71
N VAL E 193 1.44 6.97 50.27
CA VAL E 193 0.27 6.72 49.43
C VAL E 193 0.02 7.91 48.52
N THR E 194 0.04 9.12 49.06
CA THR E 194 -0.22 10.30 48.24
C THR E 194 0.89 10.54 47.24
N ALA E 195 2.14 10.24 47.60
CA ALA E 195 3.23 10.39 46.64
C ALA E 195 3.04 9.44 45.46
N THR E 196 2.81 8.16 45.74
CA THR E 196 2.58 7.20 44.66
C THR E 196 1.34 7.57 43.86
N CYS E 197 0.32 8.10 44.52
CA CYS E 197 -0.90 8.47 43.82
C CYS E 197 -0.68 9.68 42.91
N VAL E 198 0.15 10.64 43.32
CA VAL E 198 0.45 11.77 42.45
C VAL E 198 1.26 11.30 41.24
N ALA E 199 2.21 10.39 41.47
CA ALA E 199 2.97 9.84 40.34
C ALA E 199 2.03 9.13 39.37
N LEU E 200 1.13 8.29 39.90
CA LEU E 200 0.16 7.61 39.05
C LEU E 200 -0.76 8.62 38.38
N PHE E 201 -1.06 9.72 39.06
CA PHE E 201 -1.89 10.76 38.47
C PHE E 201 -1.26 11.30 37.20
N VAL E 202 0.01 11.72 37.31
CA VAL E 202 0.67 12.29 36.13
C VAL E 202 0.78 11.23 35.03
N VAL E 203 1.19 10.01 35.39
CA VAL E 203 1.39 8.98 34.37
C VAL E 203 0.08 8.66 33.66
N GLY E 204 -0.98 8.43 34.42
CA GLY E 204 -2.27 8.06 33.86
C GLY E 204 -2.92 9.18 33.08
N ILE E 205 -2.82 10.42 33.56
CA ILE E 205 -3.33 11.54 32.79
C ILE E 205 -2.62 11.63 31.45
N ALA E 206 -1.30 11.49 31.47
CA ALA E 206 -0.55 11.53 30.22
C ALA E 206 -1.01 10.43 29.27
N GLY E 207 -1.11 9.20 29.77
CA GLY E 207 -1.50 8.10 28.90
C GLY E 207 -2.89 8.26 28.32
N ASN E 208 -3.86 8.63 29.17
CA ASN E 208 -5.23 8.72 28.70
C ASN E 208 -5.44 9.92 27.79
N LEU E 209 -4.69 11.00 27.99
CA LEU E 209 -4.74 12.10 27.04
C LEU E 209 -4.11 11.70 25.71
N LEU E 210 -2.99 10.98 25.75
CA LEU E 210 -2.35 10.56 24.52
C LEU E 210 -3.27 9.67 23.69
N THR E 211 -3.95 8.73 24.35
CA THR E 211 -4.85 7.85 23.61
C THR E 211 -5.92 8.66 22.88
N MET E 212 -6.57 9.58 23.60
CA MET E 212 -7.64 10.36 22.99
C MET E 212 -7.12 11.25 21.87
N LEU E 213 -5.96 11.89 22.05
CA LEU E 213 -5.42 12.75 21.00
C LEU E 213 -5.07 11.94 19.77
N VAL E 214 -4.41 10.79 19.95
CA VAL E 214 -4.02 9.97 18.81
C VAL E 214 -5.24 9.49 18.05
N VAL E 215 -6.26 9.02 18.78
CA VAL E 215 -7.45 8.51 18.11
C VAL E 215 -8.23 9.62 17.43
N SER E 216 -8.25 10.83 18.01
CA SER E 216 -9.02 11.92 17.40
C SER E 216 -8.31 12.48 16.17
N ARG E 217 -6.98 12.63 16.22
CA ARG E 217 -6.27 13.21 15.10
C ARG E 217 -6.25 12.26 13.90
N PHE E 218 -5.90 11.01 14.11
CA PHE E 218 -5.59 10.07 13.03
C PHE E 218 -6.85 9.32 12.63
N ARG E 219 -7.29 9.53 11.40
CA ARG E 219 -8.51 8.89 10.92
C ARG E 219 -8.32 7.39 10.72
N GLU E 220 -7.12 6.96 10.34
CA GLU E 220 -6.91 5.53 10.09
C GLU E 220 -6.90 4.73 11.38
N LEU E 221 -6.80 5.40 12.53
CA LEU E 221 -6.80 4.72 13.82
C LEU E 221 -8.18 4.63 14.46
N ARG E 222 -9.24 5.07 13.78
CA ARG E 222 -10.57 5.02 14.36
C ARG E 222 -11.19 3.64 14.18
N THR E 223 -10.46 2.60 14.56
CA THR E 223 -10.98 1.24 14.49
C THR E 223 -11.76 0.93 15.76
N THR E 224 -12.47 -0.21 15.73
CA THR E 224 -13.37 -0.54 16.84
C THR E 224 -12.60 -0.67 18.15
N THR E 225 -11.46 -1.34 18.13
CA THR E 225 -10.67 -1.46 19.35
C THR E 225 -10.25 -0.08 19.86
N ASN E 226 -9.89 0.82 18.94
CA ASN E 226 -9.53 2.16 19.37
C ASN E 226 -10.72 2.96 19.85
N LEU E 227 -11.94 2.67 19.37
CA LEU E 227 -13.11 3.31 19.95
C LEU E 227 -13.33 2.85 21.39
N TYR E 228 -13.26 1.54 21.62
CA TYR E 228 -13.35 1.04 22.99
C TYR E 228 -12.27 1.65 23.86
N LEU E 229 -11.07 1.78 23.32
CA LEU E 229 -9.97 2.31 24.11
C LEU E 229 -10.11 3.80 24.35
N SER E 230 -10.74 4.54 23.44
CA SER E 230 -11.03 5.94 23.69
C SER E 230 -12.06 6.08 24.81
N SER E 231 -13.09 5.24 24.81
CA SER E 231 -14.03 5.26 25.92
C SER E 231 -13.34 4.93 27.23
N MET E 232 -12.47 3.92 27.23
CA MET E 232 -11.76 3.55 28.45
C MET E 232 -10.82 4.66 28.89
N ALA E 233 -10.19 5.35 27.94
CA ALA E 233 -9.34 6.48 28.27
C ALA E 233 -10.13 7.60 28.91
N PHE E 234 -11.33 7.87 28.40
CA PHE E 234 -12.19 8.88 29.04
C PHE E 234 -12.55 8.47 30.46
N SER E 235 -12.91 7.20 30.66
CA SER E 235 -13.25 6.74 32.00
C SER E 235 -12.08 6.89 32.96
N ASP E 236 -10.89 6.47 32.51
CA ASP E 236 -9.71 6.59 33.36
C ASP E 236 -9.37 8.04 33.64
N LEU E 237 -9.52 8.92 32.66
CA LEU E 237 -9.25 10.33 32.89
C LEU E 237 -10.19 10.90 33.93
N LEU E 238 -11.48 10.54 33.85
CA LEU E 238 -12.42 11.01 34.85
C LEU E 238 -12.09 10.46 36.23
N ILE E 239 -11.69 9.20 36.32
CA ILE E 239 -11.28 8.63 37.60
C ILE E 239 -10.12 9.44 38.18
N PHE E 240 -9.15 9.77 37.33
CA PHE E 240 -7.99 10.50 37.84
C PHE E 240 -8.36 11.92 38.23
N LEU E 241 -9.26 12.56 37.47
CA LEU E 241 -9.71 13.90 37.84
C LEU E 241 -10.48 13.88 39.16
N CYS E 242 -11.20 12.81 39.45
CA CYS E 242 -11.82 12.66 40.76
C CYS E 242 -10.81 12.29 41.84
N MET E 243 -9.64 11.79 41.45
CA MET E 243 -8.68 11.34 42.45
C MET E 243 -8.34 12.39 43.51
N PRO E 244 -8.05 13.66 43.18
CA PRO E 244 -7.66 14.60 44.23
C PRO E 244 -8.68 14.73 45.35
N LEU E 245 -9.96 14.74 45.01
CA LEU E 245 -10.99 14.80 46.05
C LEU E 245 -10.94 13.57 46.94
N ASP E 246 -10.78 12.39 46.34
CA ASP E 246 -10.69 11.17 47.14
C ASP E 246 -9.47 11.19 48.04
N LEU E 247 -8.35 11.69 47.52
CA LEU E 247 -7.11 11.73 48.30
C LEU E 247 -7.22 12.72 49.46
N VAL E 248 -7.90 13.85 49.24
CA VAL E 248 -8.21 14.74 50.35
C VAL E 248 -9.10 14.03 51.36
N ARG E 249 -10.10 13.31 50.87
CA ARG E 249 -11.00 12.55 51.72
C ARG E 249 -10.27 11.49 52.53
N LEU E 250 -9.13 11.02 52.04
CA LEU E 250 -8.39 9.96 52.72
C LEU E 250 -7.26 10.53 53.57
N TRP E 251 -6.51 11.49 53.04
CA TRP E 251 -5.27 11.91 53.69
C TRP E 251 -5.36 13.30 54.30
N GLN E 252 -5.64 14.31 53.49
CA GLN E 252 -5.63 15.68 53.99
C GLN E 252 -6.61 15.85 55.14
N TYR E 253 -7.72 15.12 55.11
CA TYR E 253 -8.71 15.10 56.18
C TYR E 253 -9.24 16.49 56.51
N ARG E 254 -9.18 17.41 55.57
CA ARG E 254 -9.87 18.68 55.73
C ARG E 254 -11.37 18.37 55.81
N PRO E 255 -12.07 18.82 56.86
CA PRO E 255 -13.47 18.42 57.01
C PRO E 255 -14.26 18.74 55.76
N TRP E 256 -15.13 17.80 55.37
CA TRP E 256 -15.86 17.89 54.11
C TRP E 256 -16.96 18.95 54.26
N ASN E 257 -16.52 20.19 54.39
CA ASN E 257 -17.42 21.33 54.41
C ASN E 257 -18.00 21.64 53.04
N PHE E 258 -17.49 20.99 52.00
CA PHE E 258 -18.03 21.18 50.67
C PHE E 258 -19.45 20.63 50.62
N GLY E 259 -20.11 20.85 49.49
CA GLY E 259 -21.49 20.44 49.37
C GLY E 259 -21.67 18.94 49.49
N ASP E 260 -22.77 18.55 50.12
CA ASP E 260 -23.15 17.14 50.11
C ASP E 260 -23.40 16.65 48.69
N LEU E 261 -24.03 17.49 47.87
CA LEU E 261 -24.20 17.14 46.47
C LEU E 261 -22.86 16.86 45.81
N LEU E 262 -21.82 17.61 46.20
CA LEU E 262 -20.50 17.38 45.62
C LEU E 262 -19.98 15.99 45.99
N CYS E 263 -20.03 15.63 47.28
CA CYS E 263 -19.61 14.30 47.68
C CYS E 263 -20.36 13.22 46.91
N LYS E 264 -21.70 13.31 46.91
CA LYS E 264 -22.50 12.27 46.28
C LYS E 264 -22.20 12.18 44.79
N LEU E 265 -22.12 13.32 44.11
CA LEU E 265 -21.94 13.34 42.67
C LEU E 265 -20.55 12.86 42.28
N PHE E 266 -19.53 13.23 43.05
CA PHE E 266 -18.18 12.81 42.69
C PHE E 266 -17.99 11.33 42.96
N GLN E 267 -18.60 10.81 44.02
CA GLN E 267 -18.60 9.36 44.20
C GLN E 267 -19.32 8.66 43.06
N PHE E 268 -20.45 9.22 42.62
CA PHE E 268 -21.18 8.62 41.50
C PHE E 268 -20.32 8.62 40.24
N VAL E 269 -19.62 9.72 39.98
CA VAL E 269 -18.78 9.81 38.79
C VAL E 269 -17.67 8.77 38.86
N SER E 270 -17.01 8.67 40.02
CA SER E 270 -15.93 7.71 40.15
C SER E 270 -16.43 6.29 39.94
N GLU E 271 -17.56 5.94 40.58
CA GLU E 271 -18.08 4.59 40.46
C GLU E 271 -18.52 4.28 39.03
N SER E 272 -19.19 5.23 38.37
CA SER E 272 -19.63 5.00 37.01
C SER E 272 -18.45 4.82 36.07
N CYS E 273 -17.40 5.62 36.24
CA CYS E 273 -16.22 5.45 35.42
C CYS E 273 -15.53 4.12 35.70
N THR E 274 -15.52 3.67 36.96
CA THR E 274 -14.96 2.36 37.29
C THR E 274 -15.70 1.25 36.55
N TYR E 275 -17.03 1.24 36.65
CA TYR E 275 -17.81 0.22 35.99
C TYR E 275 -17.69 0.29 34.47
N ALA E 276 -17.65 1.49 33.90
CA ALA E 276 -17.44 1.63 32.47
C ALA E 276 -16.09 1.09 32.03
N THR E 277 -15.03 1.35 32.80
CA THR E 277 -13.72 0.81 32.46
C THR E 277 -13.74 -0.71 32.48
N VAL E 278 -14.34 -1.28 33.53
CA VAL E 278 -14.38 -2.74 33.64
C VAL E 278 -15.16 -3.35 32.48
N LEU E 279 -16.31 -2.75 32.15
CA LEU E 279 -17.13 -3.30 31.07
C LEU E 279 -16.48 -3.10 29.71
N THR E 280 -15.72 -2.02 29.51
CA THR E 280 -15.01 -1.87 28.24
C THR E 280 -13.88 -2.88 28.13
N ILE E 281 -13.21 -3.19 29.25
CA ILE E 281 -12.21 -4.25 29.23
C ILE E 281 -12.85 -5.57 28.82
N THR E 282 -14.01 -5.88 29.40
CA THR E 282 -14.70 -7.12 29.05
C THR E 282 -15.10 -7.13 27.57
N ALA E 283 -15.66 -6.03 27.07
CA ALA E 283 -16.07 -5.97 25.68
C ALA E 283 -14.88 -6.10 24.75
N LEU E 284 -13.76 -5.48 25.11
CA LEU E 284 -12.56 -5.56 24.30
C LEU E 284 -12.02 -6.99 24.25
N SER E 285 -12.06 -7.71 25.37
CA SER E 285 -11.65 -9.10 25.35
C SER E 285 -12.59 -9.94 24.48
N VAL E 286 -13.90 -9.68 24.56
CA VAL E 286 -14.84 -10.44 23.75
C VAL E 286 -14.63 -10.15 22.26
N GLU E 287 -14.22 -8.96 21.88
CA GLU E 287 -13.98 -8.62 20.49
C GLU E 287 -12.67 -9.13 20.07
N ARG E 288 -11.70 -9.28 20.96
CA ARG E 288 -10.43 -9.91 20.61
C ARG E 288 -10.56 -11.41 20.43
N TYR E 289 -11.45 -12.06 21.20
CA TYR E 289 -11.67 -13.50 21.01
C TYR E 289 -12.17 -13.78 19.60
N PHE E 290 -13.19 -13.04 19.17
CA PHE E 290 -13.47 -12.98 17.75
C PHE E 290 -12.31 -12.26 17.06
N ALA E 291 -12.15 -12.51 15.77
CA ALA E 291 -11.07 -11.91 15.01
C ALA E 291 -9.74 -12.60 15.28
N ILE E 292 -9.73 -13.54 16.23
CA ILE E 292 -8.58 -14.42 16.44
C ILE E 292 -9.00 -15.88 16.34
N CYS E 293 -10.06 -16.26 17.04
CA CYS E 293 -10.57 -17.61 16.93
C CYS E 293 -11.54 -17.77 15.77
N PHE E 294 -12.10 -16.67 15.27
CA PHE E 294 -12.97 -16.68 14.10
C PHE E 294 -12.57 -15.50 13.20
N PRO E 295 -11.37 -15.55 12.61
CA PRO E 295 -10.90 -14.39 11.85
C PRO E 295 -11.79 -14.05 10.67
N LEU E 296 -12.36 -15.06 10.01
CA LEU E 296 -13.17 -14.84 8.82
C LEU E 296 -14.65 -14.63 9.15
N ARG E 297 -15.10 -15.08 10.32
CA ARG E 297 -16.45 -14.75 10.75
C ARG E 297 -16.54 -13.31 11.24
N ALA E 298 -15.49 -12.85 11.92
CA ALA E 298 -15.51 -11.50 12.50
C ALA E 298 -15.59 -10.43 11.43
N LYS E 299 -15.04 -10.70 10.24
CA LYS E 299 -15.12 -9.72 9.16
C LYS E 299 -16.56 -9.35 8.82
N VAL E 300 -17.51 -10.26 9.04
CA VAL E 300 -18.91 -10.02 8.73
C VAL E 300 -19.73 -9.73 9.99
N VAL E 301 -19.56 -10.55 11.03
CA VAL E 301 -20.43 -10.42 12.20
C VAL E 301 -20.16 -9.13 12.96
N VAL E 302 -18.90 -8.71 13.06
CA VAL E 302 -18.55 -7.50 13.80
C VAL E 302 -18.86 -6.29 12.93
N THR E 303 -19.72 -5.42 13.45
CA THR E 303 -20.15 -4.21 12.75
C THR E 303 -19.67 -3.00 13.54
N LYS E 304 -18.99 -2.07 12.87
CA LYS E 304 -18.51 -0.88 13.57
C LYS E 304 -19.66 0.07 13.88
N GLY E 305 -20.73 0.05 13.08
CA GLY E 305 -21.88 0.88 13.41
C GLY E 305 -22.49 0.51 14.74
N ARG E 306 -22.45 -0.77 15.10
CA ARG E 306 -23.01 -1.23 16.36
C ARG E 306 -22.06 -1.00 17.53
N VAL E 307 -20.78 -0.72 17.26
CA VAL E 307 -19.82 -0.54 18.35
C VAL E 307 -20.14 0.70 19.17
N LYS E 308 -20.60 1.76 18.52
CA LYS E 308 -21.01 2.94 19.27
C LYS E 308 -22.21 2.64 20.15
N LEU E 309 -23.15 1.83 19.65
CA LEU E 309 -24.25 1.40 20.50
C LEU E 309 -23.75 0.57 21.67
N VAL E 310 -22.76 -0.28 21.44
CA VAL E 310 -22.21 -1.09 22.52
C VAL E 310 -21.58 -0.20 23.59
N ILE E 311 -20.84 0.83 23.17
CA ILE E 311 -20.25 1.75 24.13
C ILE E 311 -21.34 2.48 24.91
N PHE E 312 -22.39 2.92 24.21
CA PHE E 312 -23.51 3.57 24.89
C PHE E 312 -24.13 2.64 25.92
N VAL E 313 -24.30 1.36 25.58
CA VAL E 313 -24.91 0.41 26.51
C VAL E 313 -23.99 0.19 27.71
N ILE E 314 -22.68 0.10 27.47
CA ILE E 314 -21.74 0.00 28.58
C ILE E 314 -21.92 1.16 29.54
N TRP E 315 -21.96 2.37 29.00
CA TRP E 315 -22.06 3.56 29.86
C TRP E 315 -23.42 3.61 30.55
N ALA E 316 -24.48 3.22 29.86
CA ALA E 316 -25.80 3.20 30.48
C ALA E 316 -25.84 2.23 31.65
N VAL E 317 -25.26 1.04 31.46
CA VAL E 317 -25.22 0.06 32.55
C VAL E 317 -24.38 0.58 33.70
N ALA E 318 -23.26 1.23 33.39
CA ALA E 318 -22.42 1.79 34.45
C ALA E 318 -23.21 2.81 35.26
N PHE E 319 -23.92 3.71 34.59
CA PHE E 319 -24.71 4.71 35.30
C PHE E 319 -25.81 4.07 36.13
N CYS E 320 -26.51 3.08 35.56
CA CYS E 320 -27.59 2.43 36.28
C CYS E 320 -27.07 1.70 37.52
N SER E 321 -25.88 1.10 37.42
CA SER E 321 -25.30 0.38 38.54
C SER E 321 -24.70 1.31 39.59
N ALA E 322 -24.19 2.47 39.19
CA ALA E 322 -23.67 3.43 40.15
C ALA E 322 -24.73 4.38 40.69
N GLY E 323 -25.98 4.29 40.18
CA GLY E 323 -27.04 5.12 40.68
C GLY E 323 -27.28 5.04 42.17
N PRO E 324 -27.25 3.86 42.78
CA PRO E 324 -27.48 3.77 44.22
C PRO E 324 -26.43 4.49 45.05
N ILE E 325 -25.39 5.04 44.44
CA ILE E 325 -24.40 5.80 45.20
C ILE E 325 -25.06 6.99 45.89
N PHE E 326 -26.05 7.61 45.23
CA PHE E 326 -26.72 8.75 45.83
C PHE E 326 -27.52 8.35 47.07
N VAL E 327 -27.84 7.08 47.23
CA VAL E 327 -28.49 6.61 48.45
C VAL E 327 -27.47 6.05 49.43
N LEU E 328 -26.32 5.63 48.94
CA LEU E 328 -25.34 4.96 49.78
C LEU E 328 -24.42 5.96 50.48
N VAL E 329 -23.93 6.95 49.76
CA VAL E 329 -22.91 7.85 50.27
C VAL E 329 -23.55 9.15 50.72
N GLY E 330 -22.88 9.83 51.65
CA GLY E 330 -23.35 11.11 52.16
C GLY E 330 -22.31 11.71 53.08
N VAL E 331 -22.56 12.95 53.47
CA VAL E 331 -21.67 13.67 54.38
C VAL E 331 -22.20 13.51 55.80
N GLU E 332 -21.43 12.86 56.65
CA GLU E 332 -21.81 12.58 58.03
C GLU E 332 -20.88 13.33 58.98
N HIS E 333 -21.17 13.20 60.27
CA HIS E 333 -20.37 13.83 61.32
C HIS E 333 -20.38 12.97 62.57
N GLU E 334 -19.42 13.24 63.45
CA GLU E 334 -19.39 12.59 64.75
C GLU E 334 -20.52 13.17 65.60
N ASN E 335 -21.33 12.29 66.19
CA ASN E 335 -22.56 12.74 66.85
C ASN E 335 -22.27 13.70 67.99
N GLY E 336 -21.07 13.65 68.57
CA GLY E 336 -20.74 14.48 69.71
C GLY E 336 -19.99 15.76 69.41
N THR E 337 -19.96 16.22 68.16
CA THR E 337 -19.16 17.38 67.81
C THR E 337 -19.92 18.26 66.82
N ASP E 338 -19.37 19.45 66.60
CA ASP E 338 -19.98 20.43 65.69
C ASP E 338 -20.02 19.85 64.28
N PRO E 339 -21.08 20.10 63.49
CA PRO E 339 -21.06 19.64 62.10
C PRO E 339 -20.23 20.54 61.19
N TRP E 340 -19.03 20.91 61.63
CA TRP E 340 -18.07 21.63 60.79
C TRP E 340 -16.64 21.14 60.91
N ASP E 341 -16.26 20.50 62.02
CA ASP E 341 -14.88 20.03 62.19
C ASP E 341 -14.74 18.53 61.96
N THR E 342 -15.85 17.80 61.83
CA THR E 342 -15.81 16.36 61.62
C THR E 342 -16.71 15.91 60.49
N ASN E 343 -16.91 16.74 59.47
CA ASN E 343 -17.73 16.37 58.33
C ASN E 343 -16.93 15.47 57.39
N GLU E 344 -17.43 14.26 57.15
CA GLU E 344 -16.74 13.27 56.34
C GLU E 344 -17.68 12.71 55.29
N CYS E 345 -17.23 12.71 54.04
CA CYS E 345 -17.96 12.07 52.95
C CYS E 345 -17.68 10.58 53.02
N ARG E 346 -18.72 9.79 53.29
CA ARG E 346 -18.55 8.38 53.57
C ARG E 346 -19.88 7.69 53.33
N PRO E 347 -19.90 6.36 53.29
CA PRO E 347 -21.18 5.65 53.28
C PRO E 347 -22.00 6.00 54.51
N THR E 348 -23.29 6.27 54.28
CA THR E 348 -24.15 6.77 55.34
C THR E 348 -24.47 5.67 56.34
N GLU E 349 -24.55 6.06 57.62
CA GLU E 349 -24.91 5.10 58.66
C GLU E 349 -26.24 4.44 58.39
N PHE E 350 -27.15 5.16 57.72
CA PHE E 350 -28.42 4.55 57.32
C PHE E 350 -28.17 3.38 56.38
N ALA E 351 -27.29 3.57 55.38
CA ALA E 351 -26.98 2.49 54.47
C ALA E 351 -26.33 1.31 55.20
N VAL E 352 -25.44 1.60 56.14
CA VAL E 352 -24.84 0.53 56.94
C VAL E 352 -25.92 -0.24 57.69
N ARG E 353 -26.87 0.48 58.27
CA ARG E 353 -27.90 -0.16 59.09
C ARG E 353 -28.95 -0.85 58.23
N SER E 354 -29.29 -0.26 57.09
CA SER E 354 -30.38 -0.77 56.26
C SER E 354 -29.99 -1.97 55.42
N GLY E 355 -28.71 -2.36 55.42
CA GLY E 355 -28.26 -3.47 54.62
C GLY E 355 -27.94 -3.12 53.18
N LEU E 356 -28.17 -1.87 52.77
CA LEU E 356 -27.84 -1.46 51.41
C LEU E 356 -26.37 -1.67 51.11
N LEU E 357 -25.53 -1.58 52.14
CA LEU E 357 -24.09 -1.72 51.93
C LEU E 357 -23.75 -3.09 51.35
N THR E 358 -24.30 -4.16 51.92
CA THR E 358 -23.95 -5.50 51.48
C THR E 358 -24.44 -5.77 50.06
N VAL E 359 -25.67 -5.35 49.75
CA VAL E 359 -26.18 -5.57 48.41
C VAL E 359 -25.37 -4.78 47.39
N MET E 360 -24.93 -3.57 47.76
CA MET E 360 -24.02 -2.84 46.89
C MET E 360 -22.68 -3.56 46.75
N VAL E 361 -22.20 -4.17 47.83
CA VAL E 361 -20.93 -4.90 47.75
C VAL E 361 -21.04 -6.03 46.74
N TRP E 362 -22.16 -6.76 46.77
CA TRP E 362 -22.30 -7.89 45.85
C TRP E 362 -22.53 -7.41 44.43
N VAL E 363 -23.31 -6.34 44.25
CA VAL E 363 -23.49 -5.79 42.91
C VAL E 363 -22.15 -5.34 42.34
N SER E 364 -21.28 -4.80 43.19
CA SER E 364 -19.94 -4.44 42.74
C SER E 364 -19.13 -5.67 42.40
N SER E 365 -19.23 -6.71 43.23
CA SER E 365 -18.49 -7.95 42.98
C SER E 365 -18.91 -8.60 41.67
N ILE E 366 -20.12 -8.32 41.19
CA ILE E 366 -20.49 -8.78 39.85
C ILE E 366 -19.49 -8.25 38.82
N PHE E 367 -19.13 -6.97 38.94
CA PHE E 367 -18.16 -6.32 38.06
C PHE E 367 -16.72 -6.70 38.36
N PHE E 368 -16.51 -7.75 39.15
CA PHE E 368 -15.22 -8.43 39.22
C PHE E 368 -15.33 -9.86 38.72
N PHE E 369 -16.39 -10.56 39.11
CA PHE E 369 -16.50 -11.97 38.74
C PHE E 369 -16.80 -12.13 37.25
N LEU E 370 -17.77 -11.37 36.72
CA LEU E 370 -18.06 -11.50 35.30
C LEU E 370 -16.87 -11.10 34.45
N PRO E 371 -16.25 -9.93 34.64
CA PRO E 371 -15.05 -9.61 33.84
C PRO E 371 -13.92 -10.61 34.01
N VAL E 372 -13.67 -11.08 35.22
CA VAL E 372 -12.51 -11.95 35.42
C VAL E 372 -12.72 -13.29 34.73
N PHE E 373 -13.91 -13.88 34.89
CA PHE E 373 -14.19 -15.14 34.21
C PHE E 373 -14.17 -14.96 32.70
N CYS E 374 -14.79 -13.89 32.20
CA CYS E 374 -14.81 -13.68 30.76
C CYS E 374 -13.40 -13.52 30.21
N LEU E 375 -12.59 -12.69 30.85
CA LEU E 375 -11.22 -12.49 30.39
C LEU E 375 -10.42 -13.80 30.46
N THR E 376 -10.49 -14.49 31.59
CA THR E 376 -9.71 -15.71 31.72
C THR E 376 -10.08 -16.71 30.65
N VAL E 377 -11.38 -16.96 30.46
CA VAL E 377 -11.81 -17.96 29.49
C VAL E 377 -11.41 -17.55 28.09
N LEU E 378 -11.74 -16.33 27.69
CA LEU E 378 -11.53 -15.93 26.31
C LEU E 378 -10.04 -15.82 25.98
N TYR E 379 -9.24 -15.25 26.88
CA TYR E 379 -7.81 -15.18 26.62
C TYR E 379 -7.13 -16.52 26.75
N SER E 380 -7.65 -17.45 27.55
CA SER E 380 -7.11 -18.80 27.53
C SER E 380 -7.38 -19.47 26.19
N LEU E 381 -8.57 -19.28 25.63
CA LEU E 381 -8.85 -19.84 24.32
C LEU E 381 -7.97 -19.20 23.25
N ILE E 382 -7.77 -17.88 23.32
CA ILE E 382 -6.89 -17.21 22.37
C ILE E 382 -5.47 -17.75 22.50
N GLY E 383 -5.00 -17.94 23.72
CA GLY E 383 -3.67 -18.49 23.91
C GLY E 383 -3.55 -19.91 23.40
N ARG E 384 -4.59 -20.72 23.61
CA ARG E 384 -4.60 -22.07 23.06
C ARG E 384 -4.45 -22.02 21.54
N LYS E 385 -5.24 -21.18 20.88
CA LYS E 385 -5.17 -21.09 19.43
C LYS E 385 -3.79 -20.63 18.97
N LEU E 386 -3.31 -19.51 19.52
CA LEU E 386 -2.03 -18.96 19.04
C LEU E 386 -0.87 -19.91 19.34
N TRP E 387 -0.83 -20.50 20.52
CA TRP E 387 0.26 -21.40 20.87
C TRP E 387 0.26 -22.61 19.95
N ARG E 388 -0.87 -23.30 19.84
CA ARG E 388 -1.04 -24.48 18.98
C ARG E 388 0.26 -25.19 18.65
N ASN E 404 4.41 -11.52 16.84
CA ASN E 404 4.67 -12.92 17.16
C ASN E 404 3.61 -13.45 18.13
N HIS E 405 3.53 -14.77 18.25
CA HIS E 405 2.48 -15.37 19.07
C HIS E 405 2.92 -15.53 20.52
N LYS E 406 4.21 -15.82 20.75
CA LYS E 406 4.68 -15.96 22.12
C LYS E 406 4.48 -14.68 22.90
N GLN E 407 4.86 -13.53 22.31
CA GLN E 407 4.66 -12.26 23.01
C GLN E 407 3.19 -11.92 23.14
N THR E 408 2.36 -12.29 22.15
CA THR E 408 0.93 -12.05 22.28
C THR E 408 0.38 -12.79 23.49
N VAL E 409 0.74 -14.06 23.65
CA VAL E 409 0.26 -14.84 24.79
C VAL E 409 0.80 -14.26 26.09
N LYS E 410 2.06 -13.84 26.09
CA LYS E 410 2.65 -13.27 27.29
C LYS E 410 1.90 -12.01 27.71
N MET E 411 1.58 -11.14 26.74
CA MET E 411 0.87 -9.91 27.06
C MET E 411 -0.56 -10.18 27.50
N LEU E 412 -1.20 -11.21 26.94
CA LEU E 412 -2.53 -11.58 27.43
C LEU E 412 -2.47 -12.03 28.89
N ALA E 413 -1.47 -12.84 29.22
CA ALA E 413 -1.30 -13.25 30.61
C ALA E 413 -1.06 -12.03 31.49
N VAL E 414 -0.25 -11.08 31.02
CA VAL E 414 0.01 -9.86 31.79
C VAL E 414 -1.28 -9.08 32.00
N VAL E 415 -2.11 -8.99 30.96
CA VAL E 415 -3.37 -8.25 31.09
C VAL E 415 -4.24 -8.88 32.16
N VAL E 416 -4.40 -10.20 32.11
CA VAL E 416 -5.27 -10.87 33.09
C VAL E 416 -4.69 -10.73 34.49
N PHE E 417 -3.37 -10.88 34.63
CA PHE E 417 -2.74 -10.77 35.94
C PHE E 417 -2.90 -9.36 36.52
N ALA E 418 -2.71 -8.34 35.68
CA ALA E 418 -2.86 -6.97 36.14
C ALA E 418 -4.30 -6.69 36.55
N PHE E 419 -5.26 -7.18 35.77
CA PHE E 419 -6.66 -7.00 36.14
C PHE E 419 -6.93 -7.62 37.51
N ILE E 420 -6.52 -8.86 37.71
CA ILE E 420 -6.78 -9.52 38.98
C ILE E 420 -6.10 -8.76 40.11
N LEU E 421 -4.83 -8.41 39.92
CA LEU E 421 -4.08 -7.71 40.97
C LEU E 421 -4.79 -6.42 41.37
N CYS E 422 -5.23 -5.63 40.39
CA CYS E 422 -5.79 -4.34 40.71
C CYS E 422 -7.20 -4.44 41.31
N TRP E 423 -7.98 -5.44 40.89
CA TRP E 423 -9.39 -5.43 41.25
C TRP E 423 -9.77 -6.38 42.37
N LEU E 424 -9.05 -7.48 42.58
CA LEU E 424 -9.39 -8.35 43.70
C LEU E 424 -9.27 -7.63 45.03
N PRO E 425 -8.18 -6.90 45.30
CA PRO E 425 -8.14 -6.12 46.55
C PRO E 425 -9.26 -5.11 46.67
N PHE E 426 -9.68 -4.50 45.56
CA PHE E 426 -10.74 -3.50 45.60
C PHE E 426 -12.03 -4.09 46.18
N HIS E 427 -12.50 -5.18 45.60
CA HIS E 427 -13.77 -5.75 46.05
C HIS E 427 -13.63 -6.47 47.38
N VAL E 428 -12.48 -7.09 47.64
CA VAL E 428 -12.27 -7.71 48.94
C VAL E 428 -12.27 -6.65 50.03
N GLY E 429 -11.65 -5.50 49.77
CA GLY E 429 -11.64 -4.42 50.75
C GLY E 429 -13.02 -3.83 50.96
N ARG E 430 -13.80 -3.72 49.89
CA ARG E 430 -15.18 -3.27 50.06
C ARG E 430 -15.97 -4.24 50.94
N TYR E 431 -15.81 -5.54 50.70
CA TYR E 431 -16.51 -6.53 51.51
C TYR E 431 -16.04 -6.47 52.98
N LEU E 432 -14.73 -6.32 53.19
CA LEU E 432 -14.22 -6.22 54.54
C LEU E 432 -14.75 -4.98 55.25
N PHE E 433 -14.82 -3.85 54.52
CA PHE E 433 -15.32 -2.62 55.11
C PHE E 433 -16.79 -2.78 55.49
N SER E 434 -17.57 -3.46 54.65
CA SER E 434 -18.95 -3.74 55.02
C SER E 434 -19.03 -4.61 56.26
N LYS E 435 -18.17 -5.64 56.34
CA LYS E 435 -18.23 -6.57 57.46
C LYS E 435 -17.74 -5.94 58.76
N SER E 436 -16.87 -4.95 58.67
CA SER E 436 -16.26 -4.35 59.86
C SER E 436 -17.25 -3.62 60.73
N PHE E 437 -18.47 -3.38 60.26
CA PHE E 437 -19.48 -2.67 61.03
C PHE E 437 -20.41 -3.62 61.79
N GLU E 438 -20.15 -4.92 61.74
CA GLU E 438 -20.94 -5.87 62.50
C GLU E 438 -20.39 -6.02 63.92
N PRO E 439 -21.19 -6.54 64.84
CA PRO E 439 -20.71 -6.74 66.21
C PRO E 439 -19.50 -7.68 66.24
N GLY E 440 -18.59 -7.39 67.16
CA GLY E 440 -17.41 -8.23 67.33
C GLY E 440 -16.42 -8.18 66.21
N SER E 441 -16.60 -7.29 65.24
CA SER E 441 -15.69 -7.16 64.11
C SER E 441 -14.56 -6.17 64.38
N LEU E 442 -14.25 -5.91 65.65
CA LEU E 442 -13.23 -4.91 65.98
C LEU E 442 -11.87 -5.32 65.45
N GLU E 443 -11.53 -6.60 65.57
CA GLU E 443 -10.21 -7.08 65.15
C GLU E 443 -10.01 -7.02 63.64
N ILE E 444 -11.09 -7.06 62.85
CA ILE E 444 -10.96 -6.98 61.40
C ILE E 444 -11.04 -5.56 60.88
N ALA E 445 -11.31 -4.58 61.73
CA ALA E 445 -11.36 -3.20 61.27
C ALA E 445 -10.01 -2.74 60.74
N GLN E 446 -8.93 -3.07 61.44
CA GLN E 446 -7.60 -2.69 60.97
C GLN E 446 -7.26 -3.40 59.67
N ILE E 447 -7.65 -4.67 59.55
CA ILE E 447 -7.42 -5.39 58.29
C ILE E 447 -8.15 -4.71 57.16
N SER E 448 -9.40 -4.32 57.38
CA SER E 448 -10.16 -3.61 56.35
C SER E 448 -9.50 -2.29 55.99
N GLN E 449 -9.01 -1.56 56.99
CA GLN E 449 -8.37 -0.27 56.72
C GLN E 449 -7.15 -0.46 55.83
N TYR E 450 -6.26 -1.38 56.19
CA TYR E 450 -5.06 -1.60 55.40
C TYR E 450 -5.40 -2.13 54.00
N CYS E 451 -6.35 -3.06 53.93
CA CYS E 451 -6.76 -3.61 52.63
C CYS E 451 -7.31 -2.52 51.74
N ASN E 452 -8.11 -1.61 52.29
CA ASN E 452 -8.70 -0.57 51.47
C ASN E 452 -7.67 0.49 51.09
N LEU E 453 -6.64 0.70 51.91
CA LEU E 453 -5.55 1.58 51.50
C LEU E 453 -4.80 1.00 50.30
N VAL E 454 -4.42 -0.28 50.38
CA VAL E 454 -3.71 -0.90 49.26
C VAL E 454 -4.63 -0.92 48.04
N SER E 455 -5.93 -1.12 48.26
CA SER E 455 -6.89 -1.11 47.16
C SER E 455 -7.01 0.26 46.53
N PHE E 456 -6.92 1.32 47.31
CA PHE E 456 -6.87 2.67 46.76
C PHE E 456 -5.67 2.81 45.82
N VAL E 457 -4.50 2.42 46.31
CA VAL E 457 -3.30 2.54 45.50
C VAL E 457 -3.45 1.75 44.20
N LEU E 458 -3.91 0.51 44.30
CA LEU E 458 -4.04 -0.34 43.12
C LEU E 458 -5.17 0.12 42.21
N PHE E 459 -6.22 0.70 42.78
CA PHE E 459 -7.33 1.22 42.00
C PHE E 459 -6.85 2.31 41.06
N TYR E 460 -6.00 3.20 41.57
CA TYR E 460 -5.49 4.24 40.67
C TYR E 460 -4.36 3.72 39.79
N LEU E 461 -3.62 2.71 40.25
CA LEU E 461 -2.66 2.06 39.37
C LEU E 461 -3.34 1.46 38.14
N SER E 462 -4.56 0.94 38.32
CA SER E 462 -5.27 0.35 37.19
C SER E 462 -5.52 1.39 36.10
N ALA E 463 -6.00 2.56 36.50
CA ALA E 463 -6.24 3.62 35.51
C ALA E 463 -4.94 4.11 34.91
N ALA E 464 -3.86 4.12 35.69
CA ALA E 464 -2.56 4.50 35.12
C ALA E 464 -2.08 3.49 34.09
N ILE E 465 -2.35 2.20 34.32
CA ILE E 465 -1.72 1.14 33.55
C ILE E 465 -2.56 0.70 32.34
N ASN E 466 -3.87 0.94 32.33
CA ASN E 466 -4.69 0.47 31.21
C ASN E 466 -4.16 0.94 29.86
N PRO E 467 -3.81 2.22 29.67
CA PRO E 467 -3.22 2.61 28.38
C PRO E 467 -1.98 1.84 28.04
N ILE E 468 -1.12 1.57 29.03
CA ILE E 468 0.08 0.78 28.77
C ILE E 468 -0.29 -0.63 28.33
N LEU E 469 -1.21 -1.28 29.04
CA LEU E 469 -1.55 -2.65 28.72
C LEU E 469 -2.14 -2.75 27.33
N TYR E 470 -3.01 -1.82 26.96
CA TYR E 470 -3.81 -1.99 25.75
C TYR E 470 -3.32 -1.22 24.54
N ASN E 471 -2.51 -0.17 24.73
CA ASN E 471 -2.12 0.68 23.60
C ASN E 471 -0.66 0.48 23.18
N ILE E 472 0.29 0.71 24.09
CA ILE E 472 1.69 0.75 23.66
C ILE E 472 2.14 -0.57 23.06
N MET E 473 1.46 -1.67 23.38
CA MET E 473 1.82 -2.96 22.79
C MET E 473 1.56 -2.98 21.29
N SER E 474 0.83 -1.99 20.76
CA SER E 474 0.52 -1.94 19.34
C SER E 474 1.59 -1.13 18.61
N LYS E 475 2.15 -1.71 17.54
CA LYS E 475 3.10 -0.97 16.72
C LYS E 475 2.46 0.25 16.10
N LYS E 476 1.24 0.11 15.59
CA LYS E 476 0.56 1.24 14.97
C LYS E 476 0.38 2.39 15.95
N TYR E 477 0.00 2.10 17.19
CA TYR E 477 -0.13 3.15 18.18
C TYR E 477 1.22 3.82 18.45
N ARG E 478 2.27 3.02 18.60
CA ARG E 478 3.58 3.57 18.92
C ARG E 478 4.06 4.50 17.81
N VAL E 479 3.90 4.10 16.55
CA VAL E 479 4.28 4.99 15.47
C VAL E 479 3.37 6.21 15.43
N ALA E 480 2.09 6.04 15.74
CA ALA E 480 1.16 7.17 15.76
C ALA E 480 1.55 8.20 16.81
N VAL E 481 2.32 7.82 17.81
CA VAL E 481 2.74 8.73 18.86
C VAL E 481 4.02 9.43 18.46
#